data_5IDK
#
_entry.id   5IDK
#
_cell.length_a   36.420
_cell.length_b   96.965
_cell.length_c   187.856
_cell.angle_alpha   90.00
_cell.angle_beta   90.00
_cell.angle_gamma   90.00
#
_symmetry.space_group_name_H-M   'P 21 21 21'
#
loop_
_entity.id
_entity.type
_entity.pdbx_description
1 polymer 'Genome polyprotein,SERINE PROTEASE SUBUNIT NS2B, SERINE PROTEASE NS3'
2 non-polymer '((R)-1-((S)-3-(4-(aminomethyl)phenyl)-2-benzamidopropaneamido)-4-guanidinobutyl)boronic acid, cyclic double ester with glycerol'
3 non-polymer 'DIMETHYL SULFOXIDE'
4 non-polymer GLYCEROL
5 water water
#
_entity_poly.entity_id   1
_entity_poly.type   'polypeptide(L)'
_entity_poly.pdbx_seq_one_letter_code
;GSHMTDMWIERTADITWESDAEITGSSERVDVRLDDDGNFQLMNDPGAPWAGGGGSGGGGGGVLWDTPSPKEYKKGDTTT
GVYRIMTRGLLGSYQAGAGVMVEGVFHTLWHTTKGAALMSGEGRLDPYWGSVKEDRLCYGGPWKLQHKWNGHDEVQMIVV
EPGKNVKNVQTKPGVFKTPEGEIGAVTLDYPTGTSGSPIVDKNGDVIGLYGNGVIMPNGSYISAIVQGER
;
_entity_poly.pdbx_strand_id   A,B,C
#
loop_
_chem_comp.id
_chem_comp.type
_chem_comp.name
_chem_comp.formula
6A8 non-polymer '((R)-1-((S)-3-(4-(aminomethyl)phenyl)-2-benzamidopropaneamido)-4-guanidinobutyl)boronic acid, cyclic double ester with glycerol' 'C25 H35 B N6 O5'
DMS non-polymer 'DIMETHYL SULFOXIDE' 'C2 H6 O S'
GOL non-polymer GLYCEROL 'C3 H8 O3'
#
# COMPACT_ATOMS: atom_id res chain seq x y z
N ASP A 6 -15.45 1.40 -22.53
CA ASP A 6 -14.21 2.24 -22.83
C ASP A 6 -13.02 2.07 -21.82
N MET A 7 -13.37 1.59 -20.64
CA MET A 7 -12.42 1.51 -19.51
C MET A 7 -12.28 0.05 -19.20
N TRP A 8 -11.09 -0.41 -18.81
CA TRP A 8 -10.80 -1.77 -18.47
C TRP A 8 -9.74 -1.86 -17.37
N ILE A 9 -9.59 -3.00 -16.76
CA ILE A 9 -8.59 -3.23 -15.74
C ILE A 9 -7.62 -4.26 -16.14
N GLU A 10 -6.36 -4.06 -15.75
CA GLU A 10 -5.26 -5.00 -16.04
C GLU A 10 -4.61 -5.42 -14.75
N ARG A 11 -4.42 -6.70 -14.49
CA ARG A 11 -3.69 -7.13 -13.30
C ARG A 11 -2.18 -6.86 -13.47
N THR A 12 -1.53 -6.37 -12.45
CA THR A 12 -0.12 -5.98 -12.55
C THR A 12 0.72 -6.30 -11.36
N ALA A 13 0.24 -6.79 -10.21
CA ALA A 13 1.04 -7.17 -9.08
C ALA A 13 0.28 -7.99 -8.08
N ASP A 14 1.01 -8.70 -7.24
CA ASP A 14 0.50 -9.34 -6.04
C ASP A 14 0.37 -8.27 -4.92
N ILE A 15 -0.50 -8.56 -3.99
CA ILE A 15 -0.69 -7.71 -2.77
C ILE A 15 0.31 -8.30 -1.77
N THR A 16 1.42 -7.61 -1.55
CA THR A 16 2.49 -8.12 -0.68
CA THR A 16 2.45 -8.15 -0.66
C THR A 16 3.26 -6.96 -0.03
N TRP A 17 3.87 -7.23 1.11
CA TRP A 17 4.88 -6.41 1.73
C TRP A 17 6.20 -6.81 1.12
N GLU A 18 7.05 -5.89 0.73
CA GLU A 18 8.38 -6.16 0.15
C GLU A 18 9.48 -5.80 1.15
N SER A 19 10.36 -6.79 1.45
CA SER A 19 11.43 -6.49 2.44
C SER A 19 12.48 -5.49 1.96
N ASP A 20 12.64 -5.28 0.68
CA ASP A 20 13.65 -4.32 0.25
C ASP A 20 13.15 -2.89 -0.08
N ALA A 21 11.91 -2.53 0.32
CA ALA A 21 11.37 -1.27 -0.14
C ALA A 21 12.19 -0.04 0.36
N GLU A 22 12.28 1.00 -0.45
CA GLU A 22 12.89 2.24 -0.05
C GLU A 22 12.00 2.88 1.03
N ILE A 23 12.62 3.49 2.02
CA ILE A 23 11.90 4.19 3.09
C ILE A 23 11.91 5.62 2.79
N THR A 24 10.78 6.31 2.80
CA THR A 24 10.71 7.70 2.49
C THR A 24 9.50 8.38 3.11
N GLY A 25 9.42 9.69 2.97
CA GLY A 25 8.29 10.48 3.45
C GLY A 25 8.49 10.90 4.85
N SER A 26 7.51 11.55 5.42
CA SER A 26 7.54 12.15 6.78
C SER A 26 6.15 12.03 7.44
N SER A 27 6.11 12.21 8.74
CA SER A 27 4.89 11.93 9.58
C SER A 27 4.41 13.28 10.06
N GLU A 28 3.49 13.90 9.35
CA GLU A 28 2.98 15.23 9.68
C GLU A 28 1.73 15.16 10.52
N ARG A 29 1.25 16.29 10.96
CA ARG A 29 0.00 16.38 11.66
C ARG A 29 -0.68 17.66 11.23
N VAL A 30 -1.79 17.53 10.53
CA VAL A 30 -2.42 18.70 9.88
CA VAL A 30 -2.44 18.63 9.80
C VAL A 30 -3.96 18.69 10.14
N ASP A 31 -4.47 19.88 10.45
CA ASP A 31 -5.87 20.07 10.66
C ASP A 31 -6.62 20.27 9.31
N VAL A 32 -7.63 19.42 9.06
CA VAL A 32 -8.38 19.44 7.79
C VAL A 32 -9.86 19.30 8.02
N ARG A 33 -10.70 19.69 7.05
CA ARG A 33 -12.07 19.28 7.05
C ARG A 33 -12.43 18.70 5.69
N LEU A 34 -13.40 17.85 5.69
CA LEU A 34 -13.80 17.07 4.51
C LEU A 34 -15.15 17.59 4.08
N ASP A 35 -15.24 18.04 2.84
CA ASP A 35 -16.54 18.55 2.26
C ASP A 35 -17.39 17.44 1.66
N ASP A 36 -18.67 17.75 1.29
CA ASP A 36 -19.55 16.70 0.75
C ASP A 36 -19.23 16.20 -0.66
N ASP A 37 -18.30 16.86 -1.34
CA ASP A 37 -17.77 16.41 -2.60
C ASP A 37 -16.48 15.53 -2.48
N GLY A 38 -16.09 15.22 -1.24
CA GLY A 38 -14.97 14.36 -1.02
C GLY A 38 -13.64 15.13 -1.05
N ASN A 39 -13.61 16.45 -0.93
CA ASN A 39 -12.37 17.22 -0.93
C ASN A 39 -11.97 17.60 0.50
N PHE A 40 -10.71 17.36 0.84
CA PHE A 40 -10.13 17.89 2.07
C PHE A 40 -9.65 19.33 1.91
N GLN A 41 -9.89 20.14 2.90
CA GLN A 41 -9.50 21.54 2.95
C GLN A 41 -8.63 21.69 4.22
N LEU A 42 -7.49 22.39 4.09
CA LEU A 42 -6.74 22.86 5.29
C LEU A 42 -7.52 23.77 6.15
N MET A 43 -7.40 23.63 7.46
CA MET A 43 -8.18 24.48 8.44
C MET A 43 -7.35 25.54 9.19
N GLY A 61 -23.33 10.70 0.84
CA GLY A 61 -23.33 9.43 1.54
C GLY A 61 -23.34 8.28 0.58
N GLY A 62 -23.44 7.07 1.09
CA GLY A 62 -23.31 5.86 0.24
C GLY A 62 -24.49 5.76 -0.71
N VAL A 63 -24.27 5.32 -1.93
CA VAL A 63 -25.30 5.04 -2.99
C VAL A 63 -25.11 3.61 -3.43
N LEU A 64 -26.18 2.81 -3.39
CA LEU A 64 -26.21 1.46 -3.89
C LEU A 64 -26.55 1.59 -5.38
N TRP A 65 -25.69 1.13 -6.27
CA TRP A 65 -25.89 1.26 -7.70
C TRP A 65 -26.93 0.29 -8.23
N ASP A 66 -27.35 0.56 -9.44
CA ASP A 66 -28.26 -0.34 -10.15
C ASP A 66 -27.76 -1.79 -10.13
N THR A 67 -28.70 -2.68 -9.99
CA THR A 67 -28.42 -4.12 -10.04
CA THR A 67 -28.41 -4.11 -10.04
C THR A 67 -28.36 -4.52 -11.53
N PRO A 68 -27.32 -5.25 -11.95
CA PRO A 68 -27.27 -5.73 -13.39
C PRO A 68 -28.47 -6.54 -13.94
N SER A 69 -29.20 -7.22 -13.06
CA SER A 69 -30.71 -7.58 -13.16
C SER A 69 -31.38 -8.84 -13.94
N PRO A 70 -30.60 -9.67 -14.69
CA PRO A 70 -31.23 -10.47 -15.78
C PRO A 70 -31.22 -12.00 -15.64
N LYS A 74 -20.29 -9.19 -18.41
CA LYS A 74 -19.68 -10.12 -17.40
C LYS A 74 -20.60 -10.89 -16.47
N LYS A 75 -20.11 -11.82 -15.60
CA LYS A 75 -18.73 -12.46 -15.62
C LYS A 75 -17.37 -11.84 -15.85
N GLY A 76 -17.04 -10.64 -15.35
CA GLY A 76 -15.67 -10.25 -15.47
C GLY A 76 -14.80 -11.04 -14.59
N ASP A 77 -13.51 -10.99 -14.86
CA ASP A 77 -12.43 -11.69 -14.11
C ASP A 77 -12.25 -10.93 -12.78
N THR A 78 -12.25 -11.70 -11.70
CA THR A 78 -12.06 -11.17 -10.35
C THR A 78 -10.88 -11.81 -9.61
N THR A 79 -9.82 -12.14 -10.33
CA THR A 79 -8.66 -12.67 -9.73
C THR A 79 -8.04 -11.67 -8.70
N THR A 80 -7.68 -12.15 -7.51
CA THR A 80 -7.05 -11.34 -6.51
C THR A 80 -5.76 -10.65 -7.01
N GLY A 81 -5.57 -9.38 -6.65
CA GLY A 81 -4.30 -8.69 -7.01
C GLY A 81 -4.50 -7.22 -7.15
N VAL A 82 -3.41 -6.57 -7.58
CA VAL A 82 -3.36 -5.14 -7.79
C VAL A 82 -3.54 -4.84 -9.27
N TYR A 83 -4.31 -3.85 -9.66
CA TYR A 83 -4.73 -3.60 -11.05
C TYR A 83 -4.52 -2.11 -11.48
N ARG A 84 -4.18 -1.88 -12.71
CA ARG A 84 -4.27 -0.63 -13.38
C ARG A 84 -5.65 -0.42 -13.97
N ILE A 85 -6.21 0.75 -13.90
CA ILE A 85 -7.44 1.19 -14.57
C ILE A 85 -7.06 1.98 -15.81
N MET A 86 -7.39 1.44 -16.98
CA MET A 86 -6.99 2.00 -18.28
C MET A 86 -8.14 2.53 -19.09
N THR A 87 -7.89 3.45 -19.98
CA THR A 87 -8.93 3.92 -20.85
C THR A 87 -8.32 4.31 -22.19
N ARG A 88 -9.19 4.29 -23.22
CA ARG A 88 -8.73 4.77 -24.53
C ARG A 88 -9.93 5.19 -25.39
N GLY A 89 -9.63 6.05 -26.33
CA GLY A 89 -10.60 6.48 -27.33
C GLY A 89 -10.15 5.85 -28.66
N LEU A 90 -9.80 6.70 -29.69
CA LEU A 90 -9.42 6.23 -30.99
C LEU A 90 -7.90 6.11 -31.15
N LEU A 91 -7.12 6.49 -30.13
CA LEU A 91 -5.70 6.55 -30.26
C LEU A 91 -5.13 5.54 -29.16
N GLY A 92 -4.04 5.94 -28.49
CA GLY A 92 -3.39 5.05 -27.49
C GLY A 92 -4.17 5.13 -26.17
N SER A 93 -3.77 4.25 -25.28
CA SER A 93 -4.46 4.17 -23.99
C SER A 93 -3.75 5.11 -23.01
N TYR A 94 -4.43 5.42 -21.90
CA TYR A 94 -3.80 6.02 -20.74
C TYR A 94 -4.32 5.41 -19.44
N GLN A 95 -3.56 5.56 -18.37
CA GLN A 95 -3.89 5.07 -17.04
C GLN A 95 -4.69 6.10 -16.26
N ALA A 96 -5.95 5.82 -16.02
CA ALA A 96 -6.84 6.63 -15.26
C ALA A 96 -6.64 6.44 -13.78
N GLY A 97 -6.16 5.33 -13.31
CA GLY A 97 -6.09 5.07 -11.88
C GLY A 97 -5.64 3.67 -11.61
N ALA A 98 -5.86 3.16 -10.39
CA ALA A 98 -5.47 1.85 -10.00
C ALA A 98 -6.52 1.33 -8.94
N GLY A 99 -6.40 0.09 -8.56
CA GLY A 99 -7.25 -0.44 -7.47
C GLY A 99 -6.84 -1.83 -7.07
N VAL A 100 -7.65 -2.51 -6.23
CA VAL A 100 -7.29 -3.77 -5.71
C VAL A 100 -8.49 -4.70 -5.75
N MET A 101 -8.26 -5.95 -6.14
CA MET A 101 -9.26 -7.00 -6.19
C MET A 101 -9.03 -7.93 -5.03
N VAL A 102 -10.03 -7.99 -4.09
CA VAL A 102 -9.90 -8.82 -2.88
C VAL A 102 -11.29 -9.48 -2.69
N GLU A 103 -11.28 -10.81 -2.48
CA GLU A 103 -12.53 -11.52 -2.20
C GLU A 103 -13.62 -11.29 -3.24
N GLY A 104 -13.20 -11.26 -4.52
CA GLY A 104 -14.07 -11.10 -5.65
C GLY A 104 -14.64 -9.70 -5.96
N VAL A 105 -14.13 -8.69 -5.23
CA VAL A 105 -14.64 -7.33 -5.34
C VAL A 105 -13.44 -6.39 -5.74
N PHE A 106 -13.74 -5.48 -6.69
CA PHE A 106 -12.70 -4.51 -7.09
C PHE A 106 -12.96 -3.23 -6.31
N HIS A 107 -11.90 -2.68 -5.70
CA HIS A 107 -11.99 -1.50 -4.86
C HIS A 107 -11.11 -0.37 -5.46
N THR A 108 -11.66 0.82 -5.52
CA THR A 108 -10.89 1.99 -6.00
C THR A 108 -11.45 3.26 -5.33
N LEU A 109 -10.80 4.41 -5.61
CA LEU A 109 -11.42 5.67 -5.21
C LEU A 109 -12.52 6.01 -6.13
N TRP A 110 -13.58 6.62 -5.64
CA TRP A 110 -14.70 6.99 -6.50
C TRP A 110 -14.26 7.85 -7.67
N HIS A 111 -13.35 8.79 -7.42
CA HIS A 111 -13.03 9.78 -8.47
C HIS A 111 -12.29 9.19 -9.64
N THR A 112 -11.71 7.98 -9.55
CA THR A 112 -10.94 7.44 -10.69
C THR A 112 -11.89 7.10 -11.82
N THR A 113 -13.07 6.58 -11.55
CA THR A 113 -13.96 6.12 -12.63
C THR A 113 -15.32 6.80 -12.56
N LYS A 114 -15.70 7.42 -11.46
CA LYS A 114 -17.05 7.98 -11.28
C LYS A 114 -18.13 6.97 -11.53
N GLY A 115 -17.88 5.70 -11.25
CA GLY A 115 -18.84 4.69 -11.39
C GLY A 115 -18.98 4.08 -12.77
N ALA A 116 -18.10 4.43 -13.72
CA ALA A 116 -18.20 3.83 -15.06
C ALA A 116 -18.00 2.34 -14.97
N ALA A 117 -18.67 1.58 -15.82
CA ALA A 117 -18.42 0.13 -15.89
C ALA A 117 -17.01 -0.14 -16.35
N LEU A 118 -16.47 -1.27 -15.90
CA LEU A 118 -15.10 -1.65 -16.17
C LEU A 118 -15.05 -3.04 -16.81
N MET A 119 -14.44 -3.14 -17.99
CA MET A 119 -14.19 -4.49 -18.47
C MET A 119 -13.08 -5.17 -17.70
N SER A 120 -13.18 -6.46 -17.42
CA SER A 120 -12.18 -7.26 -16.72
C SER A 120 -12.15 -8.59 -17.44
N GLY A 121 -11.10 -8.81 -18.18
CA GLY A 121 -11.03 -10.03 -19.04
C GLY A 121 -12.22 -10.09 -19.99
N GLU A 122 -12.94 -11.20 -19.93
CA GLU A 122 -14.02 -11.45 -20.92
C GLU A 122 -15.34 -10.80 -20.57
N GLY A 123 -15.47 -10.15 -19.43
CA GLY A 123 -16.74 -9.67 -18.98
C GLY A 123 -16.69 -8.28 -18.37
N ARG A 124 -17.81 -7.78 -17.97
CA ARG A 124 -17.96 -6.45 -17.43
C ARG A 124 -18.17 -6.49 -15.92
N LEU A 125 -17.61 -5.51 -15.21
CA LEU A 125 -17.84 -5.31 -13.78
C LEU A 125 -18.60 -4.01 -13.65
N ASP A 126 -19.75 -4.11 -12.92
CA ASP A 126 -20.61 -2.96 -12.71
C ASP A 126 -20.42 -2.51 -11.27
N PRO A 127 -20.59 -1.23 -11.04
CA PRO A 127 -20.46 -0.70 -9.70
C PRO A 127 -21.49 -1.30 -8.79
N TYR A 128 -21.08 -1.55 -7.57
CA TYR A 128 -21.99 -2.08 -6.51
C TYR A 128 -22.44 -1.01 -5.56
N TRP A 129 -21.48 -0.26 -4.99
CA TRP A 129 -21.73 0.74 -3.97
C TRP A 129 -20.60 1.80 -4.06
N GLY A 130 -20.98 3.06 -3.81
CA GLY A 130 -19.93 4.11 -3.65
C GLY A 130 -20.37 5.28 -2.84
N SER A 131 -19.38 6.06 -2.37
CA SER A 131 -19.67 7.25 -1.62
C SER A 131 -18.77 8.35 -2.19
N VAL A 132 -19.37 9.38 -2.70
CA VAL A 132 -18.65 10.57 -3.16
C VAL A 132 -17.85 11.23 -2.01
N LYS A 133 -18.51 11.44 -0.90
CA LYS A 133 -17.87 12.12 0.21
C LYS A 133 -16.66 11.36 0.78
N GLU A 134 -16.78 10.02 0.90
CA GLU A 134 -15.68 9.16 1.41
C GLU A 134 -14.68 8.85 0.30
N ASP A 135 -15.08 9.17 -0.94
CA ASP A 135 -14.28 8.89 -2.15
C ASP A 135 -13.93 7.41 -2.35
N ARG A 136 -14.91 6.51 -2.09
CA ARG A 136 -14.72 5.08 -2.19
C ARG A 136 -15.73 4.43 -3.12
N LEU A 137 -15.32 3.44 -3.88
CA LEU A 137 -16.21 2.77 -4.84
C LEU A 137 -15.79 1.35 -4.97
N CYS A 138 -16.79 0.43 -4.99
CA CYS A 138 -16.50 -0.96 -5.22
C CYS A 138 -17.39 -1.61 -6.29
N TYR A 139 -16.88 -2.63 -6.90
CA TYR A 139 -17.54 -3.36 -8.01
C TYR A 139 -17.61 -4.80 -7.69
N GLY A 140 -18.84 -5.39 -7.95
CA GLY A 140 -18.98 -6.84 -7.80
C GLY A 140 -19.57 -7.33 -6.51
N GLY A 141 -19.64 -6.47 -5.49
CA GLY A 141 -20.08 -6.85 -4.18
C GLY A 141 -19.70 -5.77 -3.20
N PRO A 142 -20.00 -5.96 -1.91
CA PRO A 142 -19.68 -4.98 -0.90
C PRO A 142 -18.20 -4.87 -0.59
N TRP A 143 -17.83 -3.73 -0.02
CA TRP A 143 -16.43 -3.47 0.37
C TRP A 143 -15.87 -4.51 1.25
N LYS A 144 -14.73 -5.09 0.91
CA LYS A 144 -14.12 -6.23 1.59
C LYS A 144 -12.96 -5.89 2.49
N LEU A 145 -12.52 -4.66 2.49
CA LEU A 145 -11.24 -4.27 3.16
C LEU A 145 -11.58 -3.66 4.49
N GLN A 146 -11.33 -4.44 5.56
CA GLN A 146 -11.70 -4.07 6.90
C GLN A 146 -10.51 -3.72 7.79
N HIS A 147 -9.31 -4.04 7.36
CA HIS A 147 -8.13 -3.73 8.20
C HIS A 147 -7.80 -2.26 8.11
N LYS A 148 -7.25 -1.67 9.20
CA LYS A 148 -6.89 -0.26 9.25
C LYS A 148 -5.51 -0.10 9.84
N TRP A 149 -4.88 1.03 9.51
CA TRP A 149 -3.60 1.41 10.12
C TRP A 149 -3.71 1.30 11.66
N ASN A 150 -2.67 0.70 12.25
CA ASN A 150 -2.67 0.56 13.71
C ASN A 150 -2.31 1.83 14.44
N GLY A 151 -1.94 2.92 13.80
CA GLY A 151 -1.60 4.17 14.45
C GLY A 151 -0.14 4.29 14.96
N HIS A 152 0.65 3.24 14.74
CA HIS A 152 2.04 3.14 15.22
C HIS A 152 3.06 2.85 14.08
N ASP A 153 2.82 1.84 13.32
CA ASP A 153 3.86 1.21 12.48
C ASP A 153 3.96 1.84 11.09
N GLU A 154 5.16 1.62 10.54
CA GLU A 154 5.31 1.87 9.12
C GLU A 154 4.39 0.95 8.31
N VAL A 155 4.07 1.53 7.11
CA VAL A 155 3.19 0.88 6.07
C VAL A 155 3.93 0.88 4.72
N GLN A 156 3.38 0.16 3.76
CA GLN A 156 3.90 0.18 2.40
C GLN A 156 2.84 0.57 1.43
N MET A 157 3.18 1.46 0.51
CA MET A 157 2.32 1.76 -0.67
C MET A 157 2.82 0.85 -1.82
N ILE A 158 1.88 0.17 -2.46
CA ILE A 158 2.13 -0.57 -3.71
C ILE A 158 1.86 0.44 -4.83
N VAL A 159 2.93 1.09 -5.30
CA VAL A 159 2.90 2.24 -6.21
C VAL A 159 2.59 1.81 -7.63
N VAL A 160 1.41 2.12 -8.16
CA VAL A 160 1.07 1.70 -9.51
C VAL A 160 1.14 2.99 -10.35
N GLU A 161 2.37 3.42 -10.69
CA GLU A 161 2.57 4.71 -11.43
C GLU A 161 2.37 4.50 -12.97
N PRO A 162 1.71 5.39 -13.66
CA PRO A 162 1.54 5.27 -15.14
C PRO A 162 2.90 5.12 -15.82
N GLY A 163 2.96 4.14 -16.75
CA GLY A 163 4.20 3.93 -17.54
C GLY A 163 5.35 3.26 -16.91
N LYS A 164 5.22 2.88 -15.64
CA LYS A 164 6.29 2.33 -14.85
C LYS A 164 5.91 1.01 -14.26
N ASN A 165 6.92 0.16 -13.94
CA ASN A 165 6.69 -1.09 -13.22
C ASN A 165 6.23 -0.81 -11.80
N VAL A 166 5.44 -1.71 -11.29
CA VAL A 166 4.99 -1.54 -9.87
C VAL A 166 6.16 -1.73 -8.94
N LYS A 167 6.25 -0.90 -7.87
CA LYS A 167 7.25 -1.05 -6.80
C LYS A 167 6.55 -0.64 -5.46
N ASN A 168 7.12 -1.10 -4.37
CA ASN A 168 6.65 -0.72 -3.05
C ASN A 168 7.57 0.31 -2.42
N VAL A 169 6.97 1.25 -1.69
CA VAL A 169 7.73 2.24 -0.88
CA VAL A 169 7.69 2.27 -0.92
C VAL A 169 7.18 2.16 0.54
N GLN A 170 8.04 2.39 1.51
CA GLN A 170 7.68 2.22 2.97
C GLN A 170 7.74 3.57 3.63
N THR A 171 6.78 3.86 4.51
CA THR A 171 6.71 5.13 5.19
C THR A 171 6.01 5.04 6.55
N LYS A 172 6.34 5.95 7.45
CA LYS A 172 5.53 6.07 8.67
C LYS A 172 4.48 7.13 8.47
N PRO A 173 3.20 6.73 8.55
CA PRO A 173 2.13 7.77 8.38
C PRO A 173 2.13 8.84 9.43
N GLY A 174 1.60 10.01 9.05
CA GLY A 174 1.14 11.01 9.98
C GLY A 174 -0.38 10.96 10.05
N VAL A 175 -0.97 12.13 10.43
CA VAL A 175 -2.36 12.22 10.75
C VAL A 175 -3.07 13.49 10.18
N PHE A 176 -4.26 13.26 9.59
CA PHE A 176 -5.21 14.32 9.36
C PHE A 176 -6.07 14.39 10.62
N LYS A 177 -6.09 15.59 11.24
CA LYS A 177 -7.00 15.85 12.40
C LYS A 177 -8.22 16.56 11.82
N THR A 178 -9.34 15.85 11.88
CA THR A 178 -10.63 16.39 11.38
C THR A 178 -11.43 16.88 12.57
N PRO A 179 -12.54 17.60 12.35
CA PRO A 179 -13.26 18.09 13.51
C PRO A 179 -13.77 17.00 14.39
N GLU A 180 -14.00 15.84 13.85
CA GLU A 180 -14.49 14.69 14.61
C GLU A 180 -13.45 13.64 15.06
N GLY A 181 -12.24 13.68 14.51
CA GLY A 181 -11.44 12.46 14.68
C GLY A 181 -10.07 12.58 13.97
N GLU A 182 -9.46 11.44 13.75
CA GLU A 182 -8.20 11.34 13.07
C GLU A 182 -8.25 10.31 11.96
N ILE A 183 -7.48 10.54 10.90
CA ILE A 183 -7.27 9.66 9.76
C ILE A 183 -5.75 9.60 9.49
N GLY A 184 -5.19 8.38 9.29
CA GLY A 184 -3.84 8.27 8.89
C GLY A 184 -3.59 8.91 7.51
N ALA A 185 -2.37 9.43 7.34
CA ALA A 185 -2.02 10.19 6.11
C ALA A 185 -0.58 10.03 5.73
N VAL A 186 -0.27 9.88 4.47
CA VAL A 186 1.10 9.61 3.99
C VAL A 186 1.64 10.76 3.15
N THR A 187 2.86 11.23 3.39
CA THR A 187 3.47 12.30 2.64
C THR A 187 4.31 11.72 1.52
N LEU A 188 3.62 11.35 0.42
CA LEU A 188 4.17 10.67 -0.73
C LEU A 188 3.52 11.32 -1.99
N ASP A 189 4.38 11.78 -2.91
CA ASP A 189 3.89 12.39 -4.15
C ASP A 189 4.24 11.56 -5.35
N TYR A 190 3.20 11.17 -6.10
CA TYR A 190 3.31 10.45 -7.34
C TYR A 190 2.43 11.14 -8.43
N PRO A 191 2.66 10.85 -9.68
CA PRO A 191 1.94 11.53 -10.71
C PRO A 191 0.47 11.17 -10.79
N THR A 192 -0.35 12.06 -11.36
CA THR A 192 -1.70 11.77 -11.73
CA THR A 192 -1.74 11.73 -11.66
C THR A 192 -1.83 10.39 -12.41
N GLY A 193 -2.80 9.59 -12.02
CA GLY A 193 -3.04 8.26 -12.49
C GLY A 193 -2.61 7.15 -11.52
N THR A 194 -1.92 7.57 -10.43
CA THR A 194 -1.50 6.61 -9.37
C THR A 194 -2.58 6.43 -8.30
N SER A 195 -3.62 7.27 -8.35
CA SER A 195 -4.76 7.17 -7.40
C SER A 195 -5.42 5.85 -7.41
N GLY A 196 -5.78 5.31 -6.23
CA GLY A 196 -6.31 3.99 -6.09
C GLY A 196 -5.27 2.89 -5.77
N SER A 197 -3.96 3.23 -5.85
CA SER A 197 -2.90 2.32 -5.43
C SER A 197 -3.12 1.94 -3.97
N PRO A 198 -2.97 0.69 -3.64
CA PRO A 198 -3.28 0.25 -2.26
C PRO A 198 -2.10 0.44 -1.31
N ILE A 199 -2.44 0.59 -0.02
CA ILE A 199 -1.49 0.70 1.08
C ILE A 199 -1.71 -0.55 1.98
N VAL A 200 -0.60 -1.22 2.36
CA VAL A 200 -0.63 -2.45 3.10
C VAL A 200 0.13 -2.35 4.41
N ASP A 201 -0.35 -3.19 5.34
CA ASP A 201 0.38 -3.37 6.62
C ASP A 201 1.34 -4.56 6.50
N LYS A 202 2.07 -4.82 7.61
CA LYS A 202 3.13 -5.88 7.56
C LYS A 202 2.65 -7.28 7.37
N ASN A 203 1.36 -7.52 7.54
CA ASN A 203 0.76 -8.77 7.22
C ASN A 203 0.36 -8.90 5.77
N GLY A 204 0.51 -7.81 4.97
CA GLY A 204 -0.02 -7.80 3.62
C GLY A 204 -1.52 -7.55 3.47
N ASP A 205 -2.19 -7.08 4.49
CA ASP A 205 -3.58 -6.68 4.44
C ASP A 205 -3.68 -5.22 3.96
N VAL A 206 -4.65 -4.98 3.07
CA VAL A 206 -4.89 -3.65 2.55
C VAL A 206 -5.57 -2.78 3.59
N ILE A 207 -4.91 -1.73 4.00
CA ILE A 207 -5.39 -0.82 5.02
C ILE A 207 -6.02 0.48 4.44
N GLY A 208 -5.94 0.66 3.11
CA GLY A 208 -6.61 1.80 2.47
C GLY A 208 -5.95 2.05 1.11
N LEU A 209 -6.41 3.13 0.50
CA LEU A 209 -6.01 3.52 -0.86
C LEU A 209 -5.39 4.89 -0.85
N TYR A 210 -4.46 5.13 -1.80
CA TYR A 210 -3.82 6.40 -2.04
C TYR A 210 -4.51 7.34 -3.00
N GLY A 211 -4.47 8.65 -2.77
CA GLY A 211 -4.76 9.65 -3.82
C GLY A 211 -5.84 10.63 -3.55
N ASN A 212 -6.13 10.96 -2.28
CA ASN A 212 -7.10 12.04 -1.91
C ASN A 212 -6.55 12.75 -0.66
N GLY A 213 -6.08 13.98 -0.81
CA GLY A 213 -5.41 14.66 0.28
C GLY A 213 -5.45 16.15 0.22
N VAL A 214 -4.33 16.72 0.58
CA VAL A 214 -4.10 18.19 0.61
C VAL A 214 -2.71 18.54 0.14
N ILE A 215 -2.55 19.78 -0.27
CA ILE A 215 -1.23 20.38 -0.61
C ILE A 215 -0.90 21.38 0.47
N MET A 216 0.28 21.28 1.03
CA MET A 216 0.75 22.21 2.07
C MET A 216 1.31 23.50 1.48
N PRO A 217 1.46 24.55 2.31
CA PRO A 217 2.03 25.82 1.80
C PRO A 217 3.41 25.66 1.13
N ASN A 218 4.19 24.71 1.57
CA ASN A 218 5.55 24.43 0.97
C ASN A 218 5.51 23.54 -0.25
N GLY A 219 4.29 23.13 -0.68
CA GLY A 219 4.09 22.34 -1.87
C GLY A 219 3.97 20.83 -1.60
N SER A 220 4.30 20.35 -0.41
CA SER A 220 4.20 18.92 -0.12
C SER A 220 2.79 18.40 -0.25
N TYR A 221 2.65 17.24 -0.91
CA TYR A 221 1.36 16.56 -1.06
C TYR A 221 1.26 15.50 0.04
N ILE A 222 0.10 15.44 0.71
CA ILE A 222 -0.14 14.44 1.78
C ILE A 222 -1.51 13.81 1.43
N SER A 223 -1.51 12.46 1.29
CA SER A 223 -2.78 11.76 0.98
C SER A 223 -3.34 11.15 2.26
N ALA A 224 -4.64 11.19 2.45
CA ALA A 224 -5.28 10.26 3.38
C ALA A 224 -4.97 8.82 3.01
N ILE A 225 -4.96 7.93 4.01
CA ILE A 225 -5.14 6.51 3.78
C ILE A 225 -6.63 6.28 3.75
N VAL A 226 -7.19 6.18 2.56
CA VAL A 226 -8.66 6.22 2.34
C VAL A 226 -9.20 4.79 2.58
N GLN A 227 -10.15 4.67 3.56
CA GLN A 227 -10.62 3.39 4.01
C GLN A 227 -11.99 3.56 4.68
N GLY A 228 -12.74 2.51 4.66
CA GLY A 228 -14.04 2.48 5.41
C GLY A 228 -13.81 2.24 6.91
N GLU A 229 -14.88 1.83 7.58
CA GLU A 229 -14.77 1.45 9.07
C GLU A 229 -14.35 0.00 9.38
N THR B 5 -23.23 16.22 26.88
CA THR B 5 -22.00 16.65 27.65
C THR B 5 -21.13 17.59 26.78
N ASP B 6 -20.17 18.17 27.47
CA ASP B 6 -19.18 19.06 26.97
C ASP B 6 -17.93 18.27 26.61
N MET B 7 -17.88 16.96 26.94
CA MET B 7 -16.61 16.21 26.70
C MET B 7 -16.93 15.06 25.77
N TRP B 8 -15.91 14.65 24.99
CA TRP B 8 -16.05 13.57 24.04
C TRP B 8 -14.74 12.83 23.86
N ILE B 9 -14.78 11.68 23.25
CA ILE B 9 -13.51 10.93 23.01
C ILE B 9 -13.34 10.75 21.52
N GLU B 10 -12.06 10.64 21.12
CA GLU B 10 -11.65 10.44 19.73
C GLU B 10 -10.54 9.36 19.68
N ARG B 11 -10.73 8.35 18.89
CA ARG B 11 -9.79 7.23 18.77
C ARG B 11 -8.54 7.72 18.08
N THR B 12 -7.38 7.29 18.57
CA THR B 12 -6.09 7.79 17.99
C THR B 12 -5.19 6.65 17.61
N ALA B 13 -5.20 5.43 18.15
CA ALA B 13 -4.27 4.37 17.85
C ALA B 13 -4.70 3.04 18.40
N ASP B 14 -4.15 1.97 17.90
CA ASP B 14 -4.29 0.63 18.50
C ASP B 14 -3.44 0.60 19.83
N ILE B 15 -3.76 -0.40 20.67
CA ILE B 15 -2.96 -0.72 21.84
C ILE B 15 -1.87 -1.68 21.36
N THR B 16 -0.62 -1.21 21.22
CA THR B 16 0.41 -2.08 20.67
C THR B 16 1.76 -1.69 21.33
N TRP B 17 2.69 -2.64 21.36
CA TRP B 17 4.14 -2.35 21.58
C TRP B 17 4.82 -1.99 20.32
N GLU B 18 5.73 -1.05 20.32
CA GLU B 18 6.54 -0.62 19.15
C GLU B 18 7.96 -1.17 19.23
N SER B 19 8.40 -1.86 18.20
CA SER B 19 9.78 -2.39 18.25
C SER B 19 10.88 -1.30 18.13
N ASP B 20 10.57 -0.15 17.62
CA ASP B 20 11.59 0.88 17.42
C ASP B 20 11.53 1.99 18.44
N ALA B 21 10.84 1.82 19.56
CA ALA B 21 10.59 2.96 20.41
C ALA B 21 11.93 3.56 20.97
N GLU B 22 11.92 4.83 21.20
CA GLU B 22 12.97 5.46 22.05
C GLU B 22 12.91 4.91 23.47
N ILE B 23 14.05 4.69 24.09
CA ILE B 23 14.23 4.16 25.44
C ILE B 23 14.79 5.32 26.27
N THR B 24 14.16 5.65 27.40
CA THR B 24 14.66 6.73 28.27
C THR B 24 14.21 6.59 29.71
N GLY B 25 14.79 7.36 30.62
CA GLY B 25 14.39 7.38 32.03
C GLY B 25 15.15 6.44 32.94
N SER B 26 14.93 6.57 34.23
CA SER B 26 15.63 5.84 35.29
CA SER B 26 15.65 5.82 35.28
C SER B 26 14.63 5.09 36.17
N SER B 27 15.06 4.11 36.86
CA SER B 27 14.25 3.32 37.84
C SER B 27 14.52 3.81 39.30
N GLU B 28 13.73 4.80 39.77
CA GLU B 28 13.97 5.35 41.12
C GLU B 28 13.14 4.65 42.13
N ARG B 29 13.59 4.61 43.39
CA ARG B 29 12.87 3.99 44.51
C ARG B 29 12.56 5.11 45.48
N VAL B 30 11.29 5.35 45.72
CA VAL B 30 10.84 6.53 46.42
C VAL B 30 9.82 6.16 47.47
N ASP B 31 10.03 6.60 48.72
CA ASP B 31 9.06 6.39 49.78
C ASP B 31 7.99 7.45 49.74
N VAL B 32 6.73 6.99 49.63
CA VAL B 32 5.61 7.88 49.48
C VAL B 32 4.42 7.42 50.36
N ARG B 33 3.50 8.33 50.61
CA ARG B 33 2.16 7.88 51.08
C ARG B 33 1.05 8.47 50.19
N LEU B 34 -0.05 7.75 50.10
CA LEU B 34 -1.16 8.13 49.26
C LEU B 34 -2.27 8.62 50.20
N ASP B 35 -2.68 9.86 50.05
CA ASP B 35 -3.76 10.45 50.87
C ASP B 35 -5.12 10.10 50.29
N ASP B 36 -6.20 10.39 51.06
CA ASP B 36 -7.53 9.97 50.62
C ASP B 36 -8.09 10.78 49.48
N ASP B 37 -7.44 11.89 49.12
CA ASP B 37 -7.83 12.68 47.92
C ASP B 37 -7.10 12.23 46.63
N GLY B 38 -6.32 11.19 46.76
CA GLY B 38 -5.60 10.62 45.58
C GLY B 38 -4.25 11.26 45.33
N ASN B 39 -3.68 12.02 46.30
CA ASN B 39 -2.38 12.66 46.11
C ASN B 39 -1.27 11.93 46.77
N PHE B 40 -0.19 11.66 46.04
CA PHE B 40 1.02 11.05 46.63
C PHE B 40 1.89 12.15 47.28
N GLN B 41 2.42 11.81 48.47
CA GLN B 41 3.28 12.70 49.28
C GLN B 41 4.58 11.98 49.52
N LEU B 42 5.68 12.65 49.29
CA LEU B 42 7.00 12.10 49.71
C LEU B 42 7.06 11.91 51.22
N MET B 43 7.67 10.80 51.67
CA MET B 43 7.82 10.50 53.11
C MET B 43 9.21 10.71 53.71
N GLY B 61 -14.12 7.45 45.70
CA GLY B 61 -14.42 5.89 46.20
C GLY B 61 -13.78 4.68 46.89
N GLY B 62 -13.95 3.37 46.52
CA GLY B 62 -14.66 2.89 45.27
C GLY B 62 -16.15 3.11 45.35
N VAL B 63 -16.78 3.62 44.28
CA VAL B 63 -18.19 3.89 44.21
C VAL B 63 -18.73 3.39 42.85
N LEU B 64 -19.95 2.91 42.83
CA LEU B 64 -20.70 2.49 41.64
C LEU B 64 -21.71 3.54 41.32
N TRP B 65 -21.77 4.09 40.12
CA TRP B 65 -22.81 5.06 39.71
C TRP B 65 -24.19 4.49 39.61
N ASP B 66 -25.20 5.22 40.10
CA ASP B 66 -26.61 5.03 39.71
C ASP B 66 -26.74 5.18 38.15
N THR B 67 -27.63 4.34 37.68
CA THR B 67 -28.19 4.41 36.32
C THR B 67 -29.56 5.12 36.35
N GLU B 72 -32.09 7.54 28.55
CA GLU B 72 -32.80 8.03 27.41
C GLU B 72 -31.97 8.45 26.22
N TYR B 73 -30.82 7.80 25.97
CA TYR B 73 -29.97 8.07 24.75
C TYR B 73 -29.29 6.76 24.36
N LYS B 74 -28.78 6.74 23.14
CA LYS B 74 -28.05 5.62 22.59
C LYS B 74 -26.67 5.42 23.26
N LYS B 75 -26.27 4.16 23.44
CA LYS B 75 -24.88 3.89 23.94
C LYS B 75 -23.85 4.31 22.87
N GLY B 76 -22.79 4.96 23.33
CA GLY B 76 -21.70 5.30 22.48
C GLY B 76 -20.86 4.16 21.96
N ASP B 77 -20.00 4.55 21.03
CA ASP B 77 -19.09 3.67 20.35
C ASP B 77 -18.00 3.18 21.37
N THR B 78 -17.76 1.91 21.38
CA THR B 78 -16.79 1.26 22.29
C THR B 78 -15.72 0.40 21.59
N THR B 79 -15.30 0.82 20.38
CA THR B 79 -14.27 0.16 19.63
C THR B 79 -12.91 0.18 20.47
N THR B 80 -12.29 -0.95 20.53
CA THR B 80 -11.02 -1.14 21.28
C THR B 80 -9.98 -0.20 20.76
N GLY B 81 -9.21 0.41 21.65
CA GLY B 81 -8.17 1.30 21.23
C GLY B 81 -7.80 2.30 22.23
N VAL B 82 -6.82 3.20 21.86
CA VAL B 82 -6.35 4.33 22.66
C VAL B 82 -7.07 5.60 22.20
N TYR B 83 -7.55 6.46 23.08
CA TYR B 83 -8.36 7.63 22.80
C TYR B 83 -7.78 8.91 23.46
N ARG B 84 -8.11 10.04 22.84
CA ARG B 84 -8.03 11.34 23.43
C ARG B 84 -9.37 11.77 24.02
N ILE B 85 -9.33 12.44 25.16
CA ILE B 85 -10.52 13.05 25.79
C ILE B 85 -10.44 14.52 25.47
N MET B 86 -11.47 15.00 24.76
CA MET B 86 -11.58 16.38 24.23
C MET B 86 -12.72 17.17 24.86
N THR B 87 -12.51 18.47 24.90
CA THR B 87 -13.58 19.36 25.39
C THR B 87 -13.42 20.68 24.60
N ARG B 88 -14.44 21.54 24.67
CA ARG B 88 -14.36 22.88 23.93
C ARG B 88 -13.51 24.05 24.57
N GLY B 89 -12.63 24.70 23.77
CA GLY B 89 -11.82 25.85 24.22
C GLY B 89 -12.04 27.11 23.34
N LEU B 90 -11.41 28.23 23.71
CA LEU B 90 -11.70 29.52 23.06
C LEU B 90 -11.11 29.59 21.63
N LEU B 91 -10.01 28.87 21.40
CA LEU B 91 -9.39 28.78 20.07
C LEU B 91 -9.63 27.43 19.38
N GLY B 92 -10.80 26.79 19.60
CA GLY B 92 -11.07 25.37 19.25
C GLY B 92 -11.27 24.32 20.37
N SER B 93 -11.36 23.07 19.97
CA SER B 93 -11.42 22.00 20.97
C SER B 93 -9.97 21.78 21.44
N TYR B 94 -9.84 21.26 22.65
CA TYR B 94 -8.52 20.86 23.14
C TYR B 94 -8.65 19.58 23.99
N GLN B 95 -7.47 19.04 24.28
CA GLN B 95 -7.33 17.74 24.91
C GLN B 95 -7.24 17.88 26.42
N ALA B 96 -8.22 17.33 27.14
CA ALA B 96 -8.30 17.29 28.58
C ALA B 96 -7.57 16.09 29.20
N GLY B 97 -7.42 15.04 28.43
CA GLY B 97 -6.79 13.81 28.94
C GLY B 97 -6.80 12.74 27.90
N ALA B 98 -6.61 11.45 28.30
CA ALA B 98 -6.56 10.31 27.41
C ALA B 98 -7.11 9.10 28.13
N GLY B 99 -7.29 7.99 27.45
CA GLY B 99 -7.69 6.74 28.09
C GLY B 99 -7.68 5.61 27.15
N VAL B 100 -8.16 4.44 27.58
CA VAL B 100 -8.10 3.23 26.80
C VAL B 100 -9.39 2.45 26.87
N MET B 101 -9.84 1.95 25.71
CA MET B 101 -11.05 1.19 25.54
C MET B 101 -10.71 -0.26 25.39
N VAL B 102 -11.16 -1.14 26.33
CA VAL B 102 -10.79 -2.57 26.36
C VAL B 102 -12.07 -3.32 26.73
N GLU B 103 -12.45 -4.30 25.95
CA GLU B 103 -13.63 -5.14 26.28
C GLU B 103 -14.86 -4.31 26.52
N GLY B 104 -15.11 -3.28 25.70
CA GLY B 104 -16.25 -2.47 25.75
C GLY B 104 -16.34 -1.41 26.89
N VAL B 105 -15.22 -1.23 27.58
CA VAL B 105 -15.19 -0.32 28.73
C VAL B 105 -14.06 0.76 28.51
N PHE B 106 -14.41 1.99 28.81
CA PHE B 106 -13.43 3.09 28.67
C PHE B 106 -12.79 3.32 30.03
N HIS B 107 -11.45 3.40 30.08
CA HIS B 107 -10.69 3.46 31.35
C HIS B 107 -9.83 4.75 31.34
N THR B 108 -9.87 5.55 32.39
CA THR B 108 -9.07 6.74 32.50
C THR B 108 -8.72 6.99 33.98
N LEU B 109 -7.98 8.06 34.26
CA LEU B 109 -7.85 8.52 35.64
C LEU B 109 -9.10 9.30 36.01
N TRP B 110 -9.50 9.20 37.27
CA TRP B 110 -10.69 9.87 37.78
C TRP B 110 -10.56 11.37 37.55
N HIS B 111 -9.35 11.92 37.77
CA HIS B 111 -9.23 13.38 37.77
C HIS B 111 -9.35 14.02 36.38
N THR B 112 -9.29 13.24 35.31
CA THR B 112 -9.41 13.82 33.96
C THR B 112 -10.81 14.33 33.65
N THR B 113 -11.83 13.62 34.09
CA THR B 113 -13.20 14.00 33.79
C THR B 113 -14.06 14.22 35.05
N LYS B 114 -13.63 13.73 36.22
CA LYS B 114 -14.42 13.72 37.45
C LYS B 114 -15.75 13.05 37.26
N GLY B 115 -15.85 12.11 36.34
CA GLY B 115 -17.04 11.39 36.09
C GLY B 115 -18.01 11.96 35.11
N ALA B 116 -17.66 13.04 34.41
CA ALA B 116 -18.55 13.61 33.40
C ALA B 116 -18.87 12.61 32.31
N ALA B 117 -20.10 12.62 31.79
CA ALA B 117 -20.42 11.80 30.65
C ALA B 117 -19.61 12.15 29.41
N LEU B 118 -19.40 11.15 28.61
CA LEU B 118 -18.50 11.30 27.40
C LEU B 118 -19.30 10.90 26.15
N MET B 119 -19.32 11.82 25.19
CA MET B 119 -19.80 11.37 23.89
C MET B 119 -18.79 10.52 23.13
N SER B 120 -19.24 9.53 22.44
CA SER B 120 -18.42 8.63 21.65
C SER B 120 -19.23 8.27 20.42
N GLY B 121 -18.78 8.85 19.31
CA GLY B 121 -19.54 8.68 18.07
C GLY B 121 -20.94 9.33 18.23
N GLU B 122 -21.95 8.59 17.84
CA GLU B 122 -23.33 9.11 17.89
C GLU B 122 -24.02 8.88 19.23
N GLY B 123 -23.33 8.32 20.21
CA GLY B 123 -23.99 8.02 21.53
C GLY B 123 -23.12 8.45 22.71
N ARG B 124 -23.58 8.13 23.88
CA ARG B 124 -23.04 8.67 25.14
C ARG B 124 -22.54 7.48 25.98
N LEU B 125 -21.40 7.68 26.68
CA LEU B 125 -20.87 6.75 27.68
C LEU B 125 -20.97 7.42 29.09
N ASP B 126 -21.54 6.59 29.98
CA ASP B 126 -21.75 6.99 31.35
C ASP B 126 -20.81 6.29 32.32
N PRO B 127 -20.43 7.02 33.41
CA PRO B 127 -19.49 6.44 34.35
C PRO B 127 -20.07 5.22 35.02
N TYR B 128 -19.28 4.22 35.28
CA TYR B 128 -19.73 2.93 35.88
C TYR B 128 -19.17 2.80 37.26
N TRP B 129 -17.85 2.90 37.47
CA TRP B 129 -17.20 2.64 38.74
C TRP B 129 -16.00 3.62 38.83
N GLY B 130 -15.67 4.09 40.01
CA GLY B 130 -14.45 4.90 40.18
C GLY B 130 -14.05 5.10 41.61
N SER B 131 -12.82 5.52 41.80
CA SER B 131 -12.27 5.80 43.17
C SER B 131 -11.44 7.04 43.10
N VAL B 132 -11.74 8.05 43.93
CA VAL B 132 -10.94 9.29 43.97
C VAL B 132 -9.55 8.94 44.56
N LYS B 133 -9.48 8.09 45.61
CA LYS B 133 -8.19 7.82 46.25
C LYS B 133 -7.26 7.08 45.31
N GLU B 134 -7.77 6.12 44.55
CA GLU B 134 -6.95 5.38 43.57
C GLU B 134 -6.81 6.10 42.24
N ASP B 135 -7.60 7.14 42.06
CA ASP B 135 -7.60 7.98 40.86
C ASP B 135 -7.93 7.19 39.64
N ARG B 136 -8.90 6.26 39.76
CA ARG B 136 -9.30 5.36 38.62
C ARG B 136 -10.77 5.57 38.30
N LEU B 137 -11.15 5.46 37.05
CA LEU B 137 -12.54 5.67 36.60
C LEU B 137 -12.79 4.82 35.35
N CYS B 138 -13.93 4.11 35.26
CA CYS B 138 -14.29 3.42 34.06
C CYS B 138 -15.73 3.65 33.69
N TYR B 139 -16.01 3.61 32.38
CA TYR B 139 -17.29 3.91 31.76
C TYR B 139 -17.77 2.70 30.97
N GLY B 140 -19.07 2.38 31.12
CA GLY B 140 -19.67 1.29 30.33
C GLY B 140 -19.67 -0.10 30.89
N GLY B 141 -19.04 -0.35 32.05
CA GLY B 141 -18.89 -1.62 32.64
C GLY B 141 -17.77 -1.67 33.61
N PRO B 142 -17.47 -2.75 34.25
CA PRO B 142 -16.47 -2.87 35.25
C PRO B 142 -15.03 -2.78 34.67
N TRP B 143 -14.08 -2.54 35.53
CA TRP B 143 -12.65 -2.39 35.13
C TRP B 143 -12.16 -3.64 34.51
N LYS B 144 -11.63 -3.55 33.30
CA LYS B 144 -11.17 -4.72 32.51
C LYS B 144 -9.70 -4.99 32.45
N LEU B 145 -8.88 -4.07 32.98
CA LEU B 145 -7.47 -4.21 32.87
C LEU B 145 -6.89 -4.93 34.10
N GLN B 146 -6.56 -6.18 33.88
CA GLN B 146 -6.14 -7.09 34.92
C GLN B 146 -4.66 -7.40 34.97
N HIS B 147 -3.87 -7.06 33.93
CA HIS B 147 -2.48 -7.33 33.99
C HIS B 147 -1.65 -6.24 34.68
N LYS B 148 -0.52 -6.62 35.23
CA LYS B 148 0.34 -5.72 36.02
C LYS B 148 1.79 -5.84 35.60
N TRP B 149 2.61 -4.84 35.89
CA TRP B 149 4.01 -4.87 35.70
C TRP B 149 4.67 -6.09 36.46
N ASN B 150 5.57 -6.74 35.80
CA ASN B 150 6.24 -7.96 36.44
C ASN B 150 7.30 -7.58 37.44
N GLY B 151 7.62 -6.26 37.55
CA GLY B 151 8.63 -5.81 38.54
C GLY B 151 10.03 -5.80 38.07
N HIS B 152 10.38 -6.12 36.84
CA HIS B 152 11.72 -6.05 36.35
C HIS B 152 11.91 -5.68 34.87
N ASP B 153 10.97 -6.05 33.97
CA ASP B 153 11.14 -5.79 32.58
C ASP B 153 10.82 -4.27 32.23
N GLU B 154 11.33 -3.94 31.05
CA GLU B 154 10.91 -2.58 30.49
C GLU B 154 9.44 -2.65 30.05
N VAL B 155 8.82 -1.46 30.12
CA VAL B 155 7.44 -1.23 29.71
C VAL B 155 7.42 -0.14 28.65
N GLN B 156 6.30 0.05 27.97
CA GLN B 156 6.13 1.20 27.03
C GLN B 156 4.94 2.09 27.43
N MET B 157 5.11 3.38 27.54
CA MET B 157 4.03 4.28 27.60
C MET B 157 3.58 4.64 26.17
N ILE B 158 2.28 4.51 25.90
CA ILE B 158 1.69 5.00 24.63
C ILE B 158 1.37 6.46 24.89
N VAL B 159 2.28 7.37 24.49
CA VAL B 159 2.18 8.76 24.84
C VAL B 159 1.14 9.47 23.99
N VAL B 160 0.08 9.96 24.61
CA VAL B 160 -0.98 10.67 23.91
C VAL B 160 -0.86 12.11 24.31
N GLU B 161 0.09 12.79 23.75
CA GLU B 161 0.38 14.17 24.16
C GLU B 161 -0.47 15.16 23.36
N PRO B 162 -0.99 16.22 23.95
CA PRO B 162 -1.84 17.16 23.15
C PRO B 162 -1.07 17.71 21.93
N GLY B 163 -1.80 17.68 20.81
CA GLY B 163 -1.22 18.29 19.58
C GLY B 163 -0.15 17.51 18.90
N LYS B 164 0.16 16.27 19.31
CA LYS B 164 1.24 15.49 18.78
C LYS B 164 0.77 14.08 18.37
N ASN B 165 1.31 13.53 17.32
CA ASN B 165 0.98 12.20 16.92
C ASN B 165 1.41 11.21 18.06
N VAL B 166 0.70 10.11 18.15
CA VAL B 166 1.08 9.08 19.16
C VAL B 166 2.52 8.58 18.89
N LYS B 167 3.27 8.32 19.98
CA LYS B 167 4.47 7.54 19.92
C LYS B 167 4.61 6.81 21.24
N ASN B 168 5.37 5.76 21.21
CA ASN B 168 5.64 4.92 22.40
C ASN B 168 7.04 5.27 22.91
N VAL B 169 7.14 5.27 24.22
CA VAL B 169 8.45 5.50 24.90
C VAL B 169 8.70 4.36 25.89
N GLN B 170 9.84 3.75 25.84
CA GLN B 170 10.17 2.57 26.60
C GLN B 170 11.06 2.92 27.81
N THR B 171 10.81 2.29 28.96
CA THR B 171 11.51 2.64 30.21
C THR B 171 11.44 1.44 31.16
N LYS B 172 12.43 1.32 32.04
CA LYS B 172 12.32 0.41 33.16
C LYS B 172 11.71 1.11 34.35
N PRO B 173 10.51 0.75 34.84
CA PRO B 173 9.97 1.40 36.01
C PRO B 173 10.82 1.24 37.27
N GLY B 174 10.63 2.21 38.14
CA GLY B 174 11.02 2.11 39.56
C GLY B 174 9.82 1.76 40.39
N VAL B 175 9.92 2.12 41.68
CA VAL B 175 8.88 1.78 42.68
C VAL B 175 8.59 2.98 43.56
N PHE B 176 7.31 3.19 43.81
CA PHE B 176 6.81 3.94 44.94
C PHE B 176 6.58 2.91 46.10
N LYS B 177 7.34 3.12 47.19
CA LYS B 177 7.25 2.25 48.38
C LYS B 177 6.30 2.96 49.36
N THR B 178 5.11 2.37 49.48
CA THR B 178 4.05 2.95 50.31
C THR B 178 4.00 2.16 51.63
N PRO B 179 3.27 2.67 52.62
CA PRO B 179 3.06 1.87 53.84
C PRO B 179 2.39 0.51 53.61
N GLU B 180 1.55 0.39 52.59
CA GLU B 180 0.85 -0.86 52.28
C GLU B 180 1.43 -1.71 51.13
N GLY B 181 2.56 -1.30 50.52
CA GLY B 181 3.22 -2.10 49.48
C GLY B 181 3.74 -1.22 48.33
N GLU B 182 4.25 -1.90 47.31
CA GLU B 182 5.01 -1.25 46.25
C GLU B 182 4.10 -1.07 45.04
N ILE B 183 4.33 0.04 44.37
CA ILE B 183 3.59 0.40 43.12
C ILE B 183 4.70 0.75 42.09
N GLY B 184 4.61 0.23 40.85
CA GLY B 184 5.50 0.67 39.80
C GLY B 184 5.34 2.15 39.49
N ALA B 185 6.47 2.78 39.05
CA ALA B 185 6.51 4.21 38.78
C ALA B 185 7.48 4.52 37.65
N VAL B 186 7.11 5.48 36.81
CA VAL B 186 7.89 5.78 35.61
C VAL B 186 8.41 7.20 35.65
N THR B 187 9.74 7.41 35.32
CA THR B 187 10.34 8.73 35.34
CA THR B 187 10.33 8.73 35.31
C THR B 187 10.22 9.34 33.93
N LEU B 188 9.01 9.76 33.60
CA LEU B 188 8.59 10.28 32.28
C LEU B 188 7.73 11.50 32.54
N ASP B 189 8.11 12.63 31.93
CA ASP B 189 7.47 13.93 32.21
C ASP B 189 6.93 14.48 30.94
N TYR B 190 5.60 14.36 30.76
CA TYR B 190 4.90 14.88 29.57
C TYR B 190 3.90 15.93 29.96
N PRO B 191 3.44 16.75 29.00
CA PRO B 191 2.66 17.86 29.32
C PRO B 191 1.28 17.57 29.89
N THR B 192 0.71 18.51 30.61
CA THR B 192 -0.65 18.46 31.01
C THR B 192 -1.60 18.13 29.83
N GLY B 193 -2.53 17.18 30.04
CA GLY B 193 -3.44 16.61 29.05
C GLY B 193 -3.05 15.20 28.58
N THR B 194 -1.84 14.76 28.99
CA THR B 194 -1.35 13.40 28.68
C THR B 194 -1.92 12.34 29.66
N SER B 195 -2.47 12.78 30.76
CA SER B 195 -2.94 11.91 31.84
C SER B 195 -4.03 10.96 31.34
N GLY B 196 -3.93 9.71 31.73
CA GLY B 196 -4.77 8.66 31.19
C GLY B 196 -4.18 7.84 30.08
N SER B 197 -3.06 8.31 29.52
CA SER B 197 -2.29 7.53 28.52
C SER B 197 -1.96 6.17 29.09
N PRO B 198 -2.16 5.10 28.31
CA PRO B 198 -1.90 3.76 28.82
C PRO B 198 -0.43 3.36 28.77
N ILE B 199 -0.02 2.47 29.69
CA ILE B 199 1.26 1.85 29.73
C ILE B 199 1.08 0.34 29.48
N VAL B 200 1.87 -0.20 28.57
CA VAL B 200 1.75 -1.61 28.11
C VAL B 200 3.00 -2.40 28.42
N ASP B 201 2.80 -3.72 28.54
CA ASP B 201 3.93 -4.68 28.57
C ASP B 201 4.23 -5.17 27.18
N LYS B 202 5.25 -6.06 27.09
CA LYS B 202 5.66 -6.54 25.79
C LYS B 202 4.67 -7.43 25.05
N ASN B 203 3.70 -7.97 25.80
CA ASN B 203 2.59 -8.66 25.23
C ASN B 203 1.51 -7.75 24.66
N GLY B 204 1.63 -6.45 24.84
CA GLY B 204 0.59 -5.50 24.43
C GLY B 204 -0.56 -5.40 25.37
N ASP B 205 -0.46 -5.95 26.57
CA ASP B 205 -1.48 -5.75 27.57
C ASP B 205 -1.26 -4.48 28.40
N VAL B 206 -2.38 -3.80 28.69
CA VAL B 206 -2.33 -2.59 29.49
C VAL B 206 -2.07 -2.89 30.97
N ILE B 207 -0.96 -2.41 31.51
CA ILE B 207 -0.56 -2.68 32.91
C ILE B 207 -0.87 -1.47 33.79
N GLY B 208 -1.39 -0.36 33.24
CA GLY B 208 -1.83 0.77 34.05
C GLY B 208 -1.82 2.09 33.21
N LEU B 209 -2.10 3.19 33.88
CA LEU B 209 -2.28 4.47 33.25
C LEU B 209 -1.26 5.49 33.81
N TYR B 210 -0.97 6.48 33.02
CA TYR B 210 -0.05 7.60 33.40
C TYR B 210 -0.75 8.79 33.95
N GLY B 211 -0.12 9.52 34.90
CA GLY B 211 -0.48 10.91 35.19
C GLY B 211 -0.87 11.22 36.62
N ASN B 212 -0.40 10.46 37.60
CA ASN B 212 -0.60 10.78 39.04
C ASN B 212 0.71 10.36 39.73
N GLY B 213 1.44 11.35 40.27
CA GLY B 213 2.73 11.10 40.82
C GLY B 213 3.27 12.10 41.87
N VAL B 214 4.58 12.28 41.79
CA VAL B 214 5.30 13.17 42.75
C VAL B 214 6.34 13.92 42.01
N ILE B 215 6.75 15.04 42.63
CA ILE B 215 8.02 15.73 42.24
C ILE B 215 9.06 15.35 43.24
N MET B 216 10.20 14.87 42.76
CA MET B 216 11.27 14.43 43.64
C MET B 216 12.11 15.67 44.13
N PRO B 217 12.94 15.45 45.17
CA PRO B 217 13.79 16.54 45.66
C PRO B 217 14.64 17.21 44.58
N ASN B 218 15.10 16.46 43.59
CA ASN B 218 15.88 17.02 42.47
C ASN B 218 15.08 17.72 41.39
N GLY B 219 13.75 17.79 41.56
CA GLY B 219 12.84 18.41 40.58
C GLY B 219 12.21 17.46 39.55
N SER B 220 12.67 16.20 39.46
CA SER B 220 12.15 15.26 38.43
C SER B 220 10.66 14.85 38.79
N TYR B 221 9.79 14.81 37.80
CA TYR B 221 8.40 14.22 37.94
C TYR B 221 8.49 12.74 37.70
N ILE B 222 7.77 11.99 38.51
CA ILE B 222 7.67 10.58 38.42
C ILE B 222 6.18 10.27 38.57
N SER B 223 5.61 9.51 37.63
CA SER B 223 4.20 9.07 37.73
C SER B 223 4.16 7.63 38.23
N ALA B 224 3.15 7.37 39.09
CA ALA B 224 2.75 5.97 39.33
C ALA B 224 2.29 5.29 38.02
N ILE B 225 2.42 4.00 37.91
CA ILE B 225 1.68 3.20 36.98
C ILE B 225 0.32 2.92 37.67
N VAL B 226 -0.74 3.61 37.31
CA VAL B 226 -1.98 3.61 38.10
C VAL B 226 -2.80 2.39 37.61
N GLN B 227 -3.11 1.45 38.56
CA GLN B 227 -3.73 0.16 38.24
C GLN B 227 -4.39 -0.41 39.47
N GLY B 228 -5.37 -1.24 39.24
CA GLY B 228 -5.99 -1.97 40.40
C GLY B 228 -4.96 -2.84 41.09
N GLU B 229 -5.20 -2.92 42.41
CA GLU B 229 -4.33 -3.40 43.55
C GLU B 229 -2.88 -3.73 43.18
N ASP C 6 -8.19 -2.65 -33.53
CA ASP C 6 -7.03 -1.80 -33.18
C ASP C 6 -6.09 -2.58 -32.14
N MET C 7 -4.79 -2.35 -32.31
CA MET C 7 -3.80 -2.82 -31.36
C MET C 7 -3.06 -1.54 -30.89
N TRP C 8 -2.56 -1.59 -29.66
CA TRP C 8 -1.85 -0.44 -29.04
C TRP C 8 -0.81 -0.93 -28.07
N ILE C 9 0.13 -0.02 -27.71
CA ILE C 9 1.19 -0.39 -26.76
C ILE C 9 1.11 0.43 -25.49
N GLU C 10 1.58 -0.14 -24.42
CA GLU C 10 1.58 0.46 -23.07
C GLU C 10 2.98 0.30 -22.43
N ARG C 11 3.61 1.41 -22.03
CA ARG C 11 4.90 1.35 -21.42
C ARG C 11 4.79 0.71 -20.03
N THR C 12 5.63 -0.24 -19.69
CA THR C 12 5.47 -1.01 -18.39
C THR C 12 6.76 -1.17 -17.63
N ALA C 13 7.95 -0.82 -18.13
CA ALA C 13 9.21 -1.04 -17.46
C ALA C 13 10.35 -0.40 -18.17
N ASP C 14 11.46 -0.19 -17.45
CA ASP C 14 12.73 0.27 -18.00
C ASP C 14 13.56 -0.93 -18.48
N ILE C 15 14.45 -0.65 -19.41
CA ILE C 15 15.43 -1.67 -19.93
C ILE C 15 16.66 -1.68 -18.98
N THR C 16 16.73 -2.64 -18.12
CA THR C 16 17.86 -2.65 -17.15
C THR C 16 18.27 -4.10 -16.86
N TRP C 17 19.48 -4.28 -16.38
CA TRP C 17 19.94 -5.48 -15.69
C TRP C 17 19.68 -5.35 -14.20
N GLU C 18 19.16 -6.34 -13.58
CA GLU C 18 18.82 -6.32 -12.15
C GLU C 18 19.77 -7.18 -11.36
N SER C 19 20.44 -6.58 -10.36
CA SER C 19 21.42 -7.40 -9.55
C SER C 19 20.76 -8.49 -8.70
N ASP C 20 19.50 -8.40 -8.40
CA ASP C 20 18.87 -9.45 -7.60
C ASP C 20 18.15 -10.56 -8.34
N ALA C 21 18.22 -10.61 -9.67
CA ALA C 21 17.36 -11.51 -10.42
C ALA C 21 17.51 -13.01 -10.05
N GLU C 22 16.43 -13.77 -10.04
CA GLU C 22 16.45 -15.26 -9.83
C GLU C 22 17.21 -15.90 -11.03
N ILE C 23 18.06 -16.87 -10.77
CA ILE C 23 18.83 -17.56 -11.78
C ILE C 23 18.13 -18.86 -12.00
N THR C 24 17.82 -19.16 -13.25
CA THR C 24 17.08 -20.34 -13.56
C THR C 24 17.24 -20.74 -15.02
N GLY C 25 16.82 -21.97 -15.33
CA GLY C 25 16.96 -22.55 -16.65
C GLY C 25 18.27 -23.30 -16.80
N SER C 26 18.39 -23.94 -17.93
CA SER C 26 19.50 -24.78 -18.28
C SER C 26 20.03 -24.35 -19.66
N SER C 27 21.19 -24.79 -19.99
CA SER C 27 21.83 -24.49 -21.27
C SER C 27 21.64 -25.87 -21.92
N GLU C 28 20.96 -25.97 -23.06
CA GLU C 28 21.04 -27.15 -23.91
C GLU C 28 21.54 -26.72 -25.28
N ARG C 29 22.19 -27.68 -25.99
CA ARG C 29 22.51 -27.52 -27.35
C ARG C 29 21.61 -28.41 -28.20
N VAL C 30 20.94 -27.83 -29.18
CA VAL C 30 19.82 -28.48 -29.87
C VAL C 30 19.95 -28.30 -31.39
N ASP C 31 19.90 -29.38 -32.21
CA ASP C 31 19.90 -29.27 -33.63
C ASP C 31 18.47 -28.95 -34.16
N VAL C 32 18.36 -27.89 -34.91
CA VAL C 32 17.04 -27.44 -35.45
C VAL C 32 17.15 -27.01 -36.89
N ARG C 33 16.00 -26.99 -37.56
CA ARG C 33 15.91 -26.28 -38.86
C ARG C 33 14.80 -25.22 -38.77
N LEU C 34 15.02 -24.09 -39.46
CA LEU C 34 14.09 -22.96 -39.47
C LEU C 34 13.42 -22.97 -40.87
N ASP C 35 12.13 -23.17 -40.91
CA ASP C 35 11.32 -23.15 -42.18
C ASP C 35 11.00 -21.69 -42.63
N ASP C 36 10.52 -21.51 -43.87
CA ASP C 36 10.31 -20.17 -44.38
C ASP C 36 9.13 -19.42 -43.75
N ASP C 37 8.28 -20.09 -42.97
CA ASP C 37 7.16 -19.50 -42.22
C ASP C 37 7.60 -19.06 -40.78
N GLY C 38 8.89 -19.22 -40.50
CA GLY C 38 9.45 -18.83 -39.18
C GLY C 38 9.35 -19.87 -38.11
N ASN C 39 9.02 -21.14 -38.44
CA ASN C 39 8.90 -22.18 -37.43
C ASN C 39 10.17 -23.03 -37.29
N PHE C 40 10.64 -23.23 -36.09
CA PHE C 40 11.76 -24.15 -35.80
C PHE C 40 11.21 -25.57 -35.71
N GLN C 41 12.00 -26.50 -36.27
CA GLN C 41 11.71 -27.92 -36.22
C GLN C 41 12.95 -28.60 -35.60
N LEU C 42 12.74 -29.49 -34.63
CA LEU C 42 13.87 -30.43 -34.17
C LEU C 42 14.39 -31.35 -35.23
N MET C 43 15.70 -31.53 -35.24
CA MET C 43 16.39 -32.48 -36.09
C MET C 43 17.01 -33.55 -35.16
N GLY C 61 14.15 -13.22 -45.73
CA GLY C 61 12.96 -12.69 -46.32
C GLY C 61 12.56 -11.33 -45.78
N GLY C 62 13.54 -10.44 -45.59
CA GLY C 62 13.22 -9.06 -45.16
C GLY C 62 12.37 -8.28 -46.17
N VAL C 63 11.42 -7.44 -45.70
CA VAL C 63 10.65 -6.54 -46.51
C VAL C 63 10.57 -5.16 -45.87
N LEU C 64 10.50 -4.14 -46.69
CA LEU C 64 10.27 -2.74 -46.26
CA LEU C 64 10.25 -2.77 -46.27
C LEU C 64 8.89 -2.31 -46.59
N TRP C 65 8.13 -1.79 -45.65
CA TRP C 65 6.79 -1.26 -45.94
C TRP C 65 6.73 -0.04 -46.74
N ASP C 66 5.83 -0.03 -47.73
CA ASP C 66 5.30 1.19 -48.31
C ASP C 66 4.74 2.10 -47.17
N THR C 67 5.00 3.36 -47.33
CA THR C 67 4.50 4.38 -46.37
C THR C 67 3.04 4.76 -46.74
N PRO C 68 2.09 4.72 -45.76
CA PRO C 68 0.70 5.21 -46.01
C PRO C 68 0.63 6.69 -46.48
N LYS C 71 -1.20 9.67 -44.93
CA LYS C 71 -0.80 10.07 -43.57
C LYS C 71 -2.01 10.54 -42.73
N GLU C 72 -2.64 9.62 -42.00
CA GLU C 72 -3.86 9.91 -41.21
C GLU C 72 -3.62 10.55 -39.78
N TYR C 73 -2.62 10.06 -39.06
CA TYR C 73 -2.37 10.38 -37.62
C TYR C 73 -1.01 11.02 -37.35
N LYS C 74 -0.88 11.71 -36.22
CA LYS C 74 0.44 12.13 -35.68
C LYS C 74 1.31 10.86 -35.47
N LYS C 75 2.62 11.04 -35.51
CA LYS C 75 3.47 9.96 -35.07
C LYS C 75 3.23 9.71 -33.54
N GLY C 76 3.13 8.42 -33.21
CA GLY C 76 3.00 8.00 -31.83
C GLY C 76 4.18 8.20 -30.93
N ASP C 77 3.92 7.99 -29.64
CA ASP C 77 4.93 8.13 -28.57
C ASP C 77 6.00 7.04 -28.78
N THR C 78 7.27 7.48 -28.75
CA THR C 78 8.43 6.56 -28.92
C THR C 78 9.42 6.65 -27.75
N THR C 79 8.90 6.90 -26.56
CA THR C 79 9.72 6.90 -25.36
C THR C 79 10.43 5.56 -25.14
N THR C 80 11.72 5.57 -24.93
CA THR C 80 12.49 4.39 -24.66
C THR C 80 11.96 3.55 -23.51
N GLY C 81 11.87 2.20 -23.63
CA GLY C 81 11.40 1.36 -22.57
C GLY C 81 10.87 0.01 -23.05
N VAL C 82 10.32 -0.73 -22.14
CA VAL C 82 9.70 -2.06 -22.39
C VAL C 82 8.21 -1.86 -22.40
N TYR C 83 7.47 -2.44 -23.33
CA TYR C 83 6.07 -2.26 -23.58
C TYR C 83 5.28 -3.58 -23.64
N ARG C 84 4.01 -3.52 -23.21
CA ARG C 84 3.00 -4.55 -23.50
C ARG C 84 2.28 -4.14 -24.82
N ILE C 85 1.95 -5.15 -25.64
CA ILE C 85 1.14 -4.96 -26.81
C ILE C 85 -0.28 -5.50 -26.48
N MET C 86 -1.26 -4.61 -26.62
CA MET C 86 -2.63 -4.93 -26.22
C MET C 86 -3.56 -4.85 -27.42
N THR C 87 -4.66 -5.64 -27.34
CA THR C 87 -5.72 -5.51 -28.34
C THR C 87 -7.05 -5.91 -27.72
N ARG C 88 -8.16 -5.56 -28.42
CA ARG C 88 -9.48 -5.92 -27.93
C ARG C 88 -10.14 -6.78 -29.00
N GLY C 89 -10.51 -8.01 -28.64
CA GLY C 89 -11.38 -8.81 -29.49
C GLY C 89 -12.79 -8.94 -28.96
N LEU C 90 -13.46 -10.03 -29.33
CA LEU C 90 -14.86 -10.16 -28.89
C LEU C 90 -15.02 -10.48 -27.40
N LEU C 91 -14.00 -11.08 -26.85
CA LEU C 91 -13.92 -11.42 -25.39
C LEU C 91 -12.95 -10.47 -24.62
N GLY C 92 -13.07 -9.16 -24.88
CA GLY C 92 -12.36 -8.19 -24.01
C GLY C 92 -10.95 -7.89 -24.49
N SER C 93 -10.25 -7.15 -23.68
CA SER C 93 -8.91 -6.70 -24.00
C SER C 93 -7.88 -7.69 -23.39
N TYR C 94 -6.79 -7.92 -24.11
CA TYR C 94 -5.80 -8.89 -23.64
C TYR C 94 -4.42 -8.47 -24.19
N GLN C 95 -3.38 -9.07 -23.57
CA GLN C 95 -2.01 -8.88 -23.99
C GLN C 95 -1.64 -9.79 -25.12
N ALA C 96 -1.42 -9.27 -26.32
CA ALA C 96 -1.06 -10.01 -27.51
C ALA C 96 0.43 -10.30 -27.53
N GLY C 97 1.26 -9.51 -26.79
CA GLY C 97 2.68 -9.69 -26.88
C GLY C 97 3.39 -8.55 -26.13
N ALA C 98 4.66 -8.36 -26.41
CA ALA C 98 5.47 -7.36 -25.74
C ALA C 98 6.50 -6.87 -26.76
N GLY C 99 7.27 -5.85 -26.43
CA GLY C 99 8.36 -5.38 -27.26
C GLY C 99 9.17 -4.35 -26.61
N VAL C 100 10.13 -3.79 -27.30
CA VAL C 100 11.06 -2.81 -26.74
C VAL C 100 11.28 -1.64 -27.66
N MET C 101 11.27 -0.43 -27.10
CA MET C 101 11.44 0.86 -27.82
C MET C 101 12.83 1.32 -27.56
N VAL C 102 13.62 1.43 -28.63
CA VAL C 102 15.05 1.79 -28.51
C VAL C 102 15.31 2.73 -29.64
N GLU C 103 16.00 3.88 -29.34
CA GLU C 103 16.33 4.84 -30.41
C GLU C 103 15.17 5.25 -31.36
N GLY C 104 13.95 5.38 -30.81
CA GLY C 104 12.82 5.85 -31.47
C GLY C 104 12.06 4.79 -32.33
N VAL C 105 12.47 3.56 -32.16
CA VAL C 105 11.92 2.44 -32.99
C VAL C 105 11.38 1.32 -32.03
N PHE C 106 10.19 0.79 -32.38
CA PHE C 106 9.56 -0.29 -31.61
C PHE C 106 9.94 -1.65 -32.20
N HIS C 107 10.42 -2.56 -31.42
CA HIS C 107 10.91 -3.89 -31.89
C HIS C 107 10.04 -4.97 -31.27
N THR C 108 9.59 -5.97 -32.04
CA THR C 108 8.86 -7.12 -31.53
C THR C 108 9.08 -8.29 -32.46
N LEU C 109 8.42 -9.40 -32.15
CA LEU C 109 8.41 -10.57 -33.11
C LEU C 109 7.29 -10.31 -34.12
N TRP C 110 7.54 -10.69 -35.36
CA TRP C 110 6.55 -10.48 -36.38
C TRP C 110 5.23 -11.07 -36.01
N HIS C 111 5.21 -12.28 -35.43
CA HIS C 111 3.99 -12.95 -35.23
C HIS C 111 3.03 -12.33 -34.16
N THR C 112 3.55 -11.40 -33.33
CA THR C 112 2.68 -10.78 -32.33
C THR C 112 1.66 -9.86 -33.00
N THR C 113 1.99 -9.15 -34.07
CA THR C 113 1.04 -8.24 -34.65
C THR C 113 0.81 -8.46 -36.12
N LYS C 114 1.62 -9.29 -36.77
CA LYS C 114 1.59 -9.46 -38.22
C LYS C 114 1.65 -8.16 -39.00
N GLY C 115 2.28 -7.14 -38.44
CA GLY C 115 2.41 -5.87 -39.08
C GLY C 115 1.30 -4.86 -38.87
N ALA C 116 0.34 -5.17 -38.03
CA ALA C 116 -0.72 -4.20 -37.73
C ALA C 116 -0.13 -2.91 -37.16
N ALA C 117 -0.76 -1.78 -37.54
CA ALA C 117 -0.38 -0.49 -36.94
C ALA C 117 -0.68 -0.54 -35.44
N LEU C 118 0.12 0.20 -34.71
CA LEU C 118 0.04 0.26 -33.24
C LEU C 118 -0.23 1.69 -32.80
N MET C 119 -1.28 1.92 -32.04
CA MET C 119 -1.46 3.23 -31.37
C MET C 119 -0.53 3.35 -30.17
N SER C 120 0.05 4.54 -30.01
CA SER C 120 0.96 4.81 -28.91
C SER C 120 0.78 6.27 -28.49
N GLY C 121 0.21 6.45 -27.33
CA GLY C 121 -0.13 7.80 -26.92
C GLY C 121 -1.11 8.52 -27.86
N GLU C 122 -0.77 9.71 -28.30
CA GLU C 122 -1.66 10.49 -29.18
C GLU C 122 -1.44 10.29 -30.66
N GLY C 123 -0.80 9.17 -31.04
CA GLY C 123 -0.55 8.95 -32.44
C GLY C 123 -0.39 7.44 -32.72
N ARG C 124 0.07 7.17 -33.93
CA ARG C 124 0.10 5.80 -34.48
C ARG C 124 1.52 5.52 -34.97
N LEU C 125 1.97 4.26 -34.76
CA LEU C 125 3.22 3.75 -35.29
C LEU C 125 2.93 2.73 -36.41
N ASP C 126 3.64 2.96 -37.54
CA ASP C 126 3.46 2.09 -38.71
C ASP C 126 4.69 1.17 -38.83
N PRO C 127 4.41 -0.05 -39.39
CA PRO C 127 5.55 -0.96 -39.56
C PRO C 127 6.55 -0.44 -40.59
N TYR C 128 7.80 -0.66 -40.32
CA TYR C 128 8.90 -0.22 -41.13
C TYR C 128 9.58 -1.32 -41.87
N TRP C 129 10.00 -2.34 -41.19
CA TRP C 129 10.77 -3.49 -41.72
C TRP C 129 10.43 -4.75 -40.98
N GLY C 130 10.37 -5.90 -41.67
CA GLY C 130 10.15 -7.13 -41.00
C GLY C 130 10.53 -8.33 -41.83
N SER C 131 10.59 -9.47 -41.18
CA SER C 131 10.85 -10.79 -41.88
C SER C 131 10.00 -11.80 -41.20
N VAL C 132 9.18 -12.54 -41.96
CA VAL C 132 8.41 -13.67 -41.42
C VAL C 132 9.34 -14.81 -41.02
N LYS C 133 10.28 -15.15 -41.87
CA LYS C 133 11.22 -16.24 -41.55
C LYS C 133 12.05 -16.01 -40.29
N GLU C 134 12.56 -14.80 -40.12
CA GLU C 134 13.34 -14.49 -38.94
C GLU C 134 12.39 -14.09 -37.73
N ASP C 135 11.11 -13.92 -38.01
CA ASP C 135 10.09 -13.61 -36.99
C ASP C 135 10.43 -12.24 -36.35
N ARG C 136 10.90 -11.26 -37.09
CA ARG C 136 11.27 -9.91 -36.53
C ARG C 136 10.50 -8.87 -37.21
N LEU C 137 10.19 -7.76 -36.45
CA LEU C 137 9.41 -6.65 -36.99
C LEU C 137 9.74 -5.36 -36.20
N CYS C 138 9.92 -4.29 -36.91
CA CYS C 138 10.12 -3.00 -36.25
C CYS C 138 9.29 -1.90 -36.86
N TYR C 139 8.94 -0.90 -36.05
CA TYR C 139 8.06 0.21 -36.38
C TYR C 139 8.79 1.59 -36.14
N GLY C 140 8.59 2.49 -37.09
CA GLY C 140 9.10 3.86 -36.94
C GLY C 140 10.45 4.13 -37.56
N GLY C 141 11.17 3.11 -37.96
CA GLY C 141 12.55 3.23 -38.47
C GLY C 141 13.24 1.90 -38.48
N PRO C 142 14.44 1.84 -38.99
CA PRO C 142 15.18 0.62 -39.06
C PRO C 142 15.55 -0.03 -37.77
N TRP C 143 15.83 -1.32 -37.80
CA TRP C 143 16.15 -2.11 -36.61
C TRP C 143 17.32 -1.53 -35.90
N LYS C 144 17.18 -1.22 -34.61
CA LYS C 144 18.20 -0.51 -33.82
C LYS C 144 19.01 -1.36 -32.88
N LEU C 145 18.66 -2.63 -32.74
CA LEU C 145 19.28 -3.50 -31.75
C LEU C 145 20.41 -4.22 -32.41
N GLN C 146 21.63 -3.67 -32.20
CA GLN C 146 22.82 -4.15 -32.90
C GLN C 146 23.70 -5.07 -32.03
N HIS C 147 23.46 -5.11 -30.72
CA HIS C 147 24.24 -5.99 -29.87
C HIS C 147 23.77 -7.41 -29.88
N LYS C 148 24.69 -8.35 -29.68
CA LYS C 148 24.41 -9.79 -29.76
C LYS C 148 24.99 -10.48 -28.58
N TRP C 149 24.38 -11.61 -28.20
CA TRP C 149 24.91 -12.44 -27.17
C TRP C 149 26.40 -12.82 -27.49
N ASN C 150 27.25 -12.63 -26.52
CA ASN C 150 28.71 -12.90 -26.83
C ASN C 150 29.06 -14.37 -26.86
N GLY C 151 28.12 -15.29 -26.58
CA GLY C 151 28.33 -16.74 -26.58
C GLY C 151 28.77 -17.40 -25.35
N HIS C 152 28.98 -16.64 -24.26
CA HIS C 152 29.41 -17.19 -23.02
C HIS C 152 28.88 -16.62 -21.70
N ASP C 153 28.57 -15.33 -21.66
CA ASP C 153 28.02 -14.73 -20.44
C ASP C 153 26.55 -15.13 -20.18
N GLU C 154 26.17 -15.13 -18.90
CA GLU C 154 24.72 -15.14 -18.56
C GLU C 154 24.08 -13.86 -19.08
N VAL C 155 22.74 -13.99 -19.29
CA VAL C 155 21.86 -12.91 -19.81
C VAL C 155 20.70 -12.77 -18.83
N GLN C 156 19.87 -11.69 -19.07
CA GLN C 156 18.62 -11.53 -18.30
C GLN C 156 17.43 -11.32 -19.26
N MET C 157 16.41 -12.09 -19.02
CA MET C 157 15.14 -11.83 -19.72
C MET C 157 14.31 -10.87 -18.85
N ILE C 158 13.78 -9.82 -19.50
CA ILE C 158 12.80 -8.91 -18.87
C ILE C 158 11.45 -9.48 -19.16
N VAL C 159 10.92 -10.26 -18.24
CA VAL C 159 9.76 -11.08 -18.47
C VAL C 159 8.50 -10.21 -18.39
N VAL C 160 7.76 -10.06 -19.47
CA VAL C 160 6.49 -9.28 -19.59
C VAL C 160 5.32 -10.23 -19.68
N GLU C 161 5.04 -10.89 -18.55
CA GLU C 161 4.02 -11.94 -18.55
C GLU C 161 2.62 -11.30 -18.40
N PRO C 162 1.61 -11.73 -19.15
CA PRO C 162 0.26 -11.15 -18.95
C PRO C 162 -0.25 -11.30 -17.50
N GLY C 163 -0.78 -10.18 -16.97
CA GLY C 163 -1.31 -10.25 -15.62
C GLY C 163 -0.38 -10.21 -14.48
N LYS C 164 0.90 -9.98 -14.73
CA LYS C 164 1.92 -10.04 -13.71
C LYS C 164 2.79 -8.80 -13.80
N ASN C 165 3.41 -8.39 -12.68
CA ASN C 165 4.40 -7.32 -12.71
C ASN C 165 5.67 -7.76 -13.54
N VAL C 166 6.34 -6.85 -14.22
CA VAL C 166 7.52 -7.24 -14.98
C VAL C 166 8.59 -7.66 -13.92
N LYS C 167 9.39 -8.67 -14.23
CA LYS C 167 10.53 -9.06 -13.43
C LYS C 167 11.64 -9.55 -14.35
N ASN C 168 12.86 -9.49 -13.87
CA ASN C 168 14.02 -10.05 -14.60
C ASN C 168 14.39 -11.44 -14.11
N VAL C 169 14.75 -12.34 -14.99
CA VAL C 169 15.29 -13.65 -14.63
CA VAL C 169 15.25 -13.69 -14.67
C VAL C 169 16.62 -13.80 -15.40
N GLN C 170 17.62 -14.39 -14.71
CA GLN C 170 18.94 -14.57 -15.27
C GLN C 170 19.17 -16.05 -15.66
N THR C 171 19.85 -16.25 -16.80
CA THR C 171 20.04 -17.61 -17.26
C THR C 171 21.32 -17.65 -18.07
N LYS C 172 21.86 -18.88 -18.22
CA LYS C 172 22.94 -19.11 -19.22
C LYS C 172 22.38 -19.73 -20.45
N PRO C 173 22.40 -18.96 -21.55
CA PRO C 173 21.82 -19.53 -22.79
C PRO C 173 22.49 -20.86 -23.22
N GLY C 174 21.68 -21.62 -23.91
CA GLY C 174 22.19 -22.68 -24.78
C GLY C 174 22.19 -22.20 -26.18
N VAL C 175 22.21 -23.18 -27.10
CA VAL C 175 22.45 -22.92 -28.52
C VAL C 175 21.55 -23.74 -29.40
N PHE C 176 20.92 -23.09 -30.37
CA PHE C 176 20.24 -23.75 -31.52
C PHE C 176 21.26 -23.83 -32.66
N LYS C 177 21.57 -25.10 -33.05
CA LYS C 177 22.45 -25.32 -34.19
C LYS C 177 21.59 -25.40 -35.45
N THR C 178 21.65 -24.37 -36.29
CA THR C 178 20.85 -24.34 -37.56
C THR C 178 21.74 -24.51 -38.78
N PRO C 179 21.13 -24.81 -39.94
CA PRO C 179 21.93 -24.91 -41.18
C PRO C 179 22.68 -23.65 -41.56
N GLU C 180 22.18 -22.49 -41.13
CA GLU C 180 22.83 -21.21 -41.39
C GLU C 180 23.69 -20.68 -40.24
N GLY C 181 23.85 -21.43 -39.13
CA GLY C 181 24.75 -21.04 -38.06
C GLY C 181 24.10 -21.31 -36.70
N GLU C 182 24.83 -20.93 -35.68
CA GLU C 182 24.38 -21.06 -34.30
C GLU C 182 23.69 -19.78 -33.87
N ILE C 183 22.65 -19.95 -33.08
CA ILE C 183 22.05 -18.82 -32.34
C ILE C 183 21.82 -19.25 -30.87
N GLY C 184 21.85 -18.24 -30.02
CA GLY C 184 21.56 -18.49 -28.64
C GLY C 184 20.12 -18.88 -28.37
N ALA C 185 19.87 -19.56 -27.28
CA ALA C 185 18.55 -20.08 -26.89
C ALA C 185 18.41 -20.07 -25.39
N VAL C 186 17.23 -19.83 -24.90
CA VAL C 186 16.97 -19.81 -23.47
C VAL C 186 15.92 -20.86 -23.09
N THR C 187 16.20 -21.64 -22.05
CA THR C 187 15.25 -22.64 -21.53
C THR C 187 14.42 -21.98 -20.45
N LEU C 188 13.43 -21.22 -20.91
CA LEU C 188 12.51 -20.45 -20.03
C LEU C 188 11.11 -20.60 -20.61
N ASP C 189 10.14 -20.93 -19.79
CA ASP C 189 8.80 -21.26 -20.27
C ASP C 189 7.80 -20.31 -19.56
N TYR C 190 7.34 -19.31 -20.31
CA TYR C 190 6.33 -18.37 -19.87
C TYR C 190 5.11 -18.46 -20.80
N PRO C 191 3.95 -17.99 -20.28
CA PRO C 191 2.66 -18.18 -20.99
C PRO C 191 2.51 -17.38 -22.25
N THR C 192 1.61 -17.82 -23.12
CA THR C 192 1.19 -17.07 -24.26
C THR C 192 0.91 -15.58 -23.95
N GLY C 193 1.50 -14.69 -24.70
CA GLY C 193 1.41 -13.21 -24.54
C GLY C 193 2.72 -12.63 -24.08
N THR C 194 3.65 -13.51 -23.63
CA THR C 194 5.00 -13.03 -23.24
C THR C 194 5.91 -12.79 -24.40
N SER C 195 5.58 -13.31 -25.60
CA SER C 195 6.42 -13.15 -26.82
C SER C 195 6.72 -11.73 -27.15
N GLY C 196 7.99 -11.41 -27.47
CA GLY C 196 8.50 -10.08 -27.68
C GLY C 196 9.18 -9.47 -26.46
N SER C 197 9.12 -10.12 -25.29
CA SER C 197 9.92 -9.71 -24.12
C SER C 197 11.38 -9.66 -24.43
N PRO C 198 12.11 -8.63 -24.03
CA PRO C 198 13.51 -8.45 -24.42
C PRO C 198 14.44 -9.20 -23.54
N ILE C 199 15.61 -9.55 -24.07
CA ILE C 199 16.68 -10.21 -23.36
C ILE C 199 17.91 -9.25 -23.46
N VAL C 200 18.56 -9.05 -22.31
CA VAL C 200 19.61 -8.05 -22.18
C VAL C 200 20.92 -8.68 -21.67
N ASP C 201 22.01 -7.97 -22.04
CA ASP C 201 23.36 -8.34 -21.53
C ASP C 201 23.67 -7.47 -20.34
N LYS C 202 24.86 -7.69 -19.78
CA LYS C 202 25.17 -7.03 -18.50
C LYS C 202 25.32 -5.55 -18.60
N ASN C 203 25.48 -5.00 -19.78
CA ASN C 203 25.51 -3.56 -19.99
C ASN C 203 24.11 -2.97 -20.12
N GLY C 204 23.05 -3.80 -20.07
CA GLY C 204 21.72 -3.34 -20.35
C GLY C 204 21.35 -3.18 -21.81
N ASP C 205 22.17 -3.66 -22.77
CA ASP C 205 21.83 -3.62 -24.10
C ASP C 205 20.96 -4.86 -24.50
N VAL C 206 19.97 -4.57 -25.34
CA VAL C 206 19.05 -5.65 -25.79
C VAL C 206 19.76 -6.52 -26.86
N ILE C 207 19.88 -7.79 -26.56
CA ILE C 207 20.58 -8.73 -27.45
C ILE C 207 19.59 -9.67 -28.18
N GLY C 208 18.28 -9.50 -27.95
CA GLY C 208 17.30 -10.23 -28.74
C GLY C 208 15.99 -10.29 -28.01
N LEU C 209 15.00 -11.01 -28.59
CA LEU C 209 13.67 -11.13 -28.08
C LEU C 209 13.27 -12.58 -27.82
N TYR C 210 12.36 -12.83 -26.90
CA TYR C 210 11.83 -14.09 -26.53
C TYR C 210 10.57 -14.47 -27.33
N GLY C 211 10.38 -15.78 -27.60
CA GLY C 211 9.06 -16.35 -27.88
C GLY C 211 8.89 -17.10 -29.18
N ASN C 212 9.99 -17.64 -29.72
CA ASN C 212 9.89 -18.47 -30.98
C ASN C 212 10.91 -19.64 -30.72
N GLY C 213 10.39 -20.83 -30.59
CA GLY C 213 11.24 -21.93 -30.21
C GLY C 213 10.74 -23.33 -30.59
N VAL C 214 11.06 -24.24 -29.70
CA VAL C 214 10.71 -25.68 -29.86
C VAL C 214 10.27 -26.27 -28.58
N ILE C 215 9.53 -27.38 -28.70
CA ILE C 215 9.23 -28.26 -27.56
C ILE C 215 10.11 -29.53 -27.63
N MET C 216 10.82 -29.80 -26.53
CA MET C 216 11.83 -30.88 -26.46
C MET C 216 11.16 -32.24 -26.11
N PRO C 217 11.92 -33.33 -26.24
CA PRO C 217 11.30 -34.66 -25.92
C PRO C 217 10.81 -34.74 -24.52
N ASN C 218 11.46 -34.09 -23.56
CA ASN C 218 11.02 -34.11 -22.16
C ASN C 218 9.83 -33.11 -21.88
N GLY C 219 9.31 -32.45 -22.93
CA GLY C 219 8.20 -31.46 -22.81
C GLY C 219 8.63 -30.02 -22.53
N SER C 220 9.91 -29.77 -22.26
CA SER C 220 10.37 -28.42 -21.96
C SER C 220 10.29 -27.54 -23.24
N TYR C 221 9.98 -26.25 -23.04
CA TYR C 221 10.08 -25.25 -24.10
C TYR C 221 11.37 -24.53 -24.07
N ILE C 222 11.99 -24.35 -25.21
CA ILE C 222 13.20 -23.58 -25.35
C ILE C 222 12.93 -22.55 -26.46
N SER C 223 13.21 -21.25 -26.16
CA SER C 223 13.09 -20.19 -27.18
C SER C 223 14.41 -19.78 -27.76
N ALA C 224 14.47 -19.49 -29.05
CA ALA C 224 15.57 -18.75 -29.59
C ALA C 224 15.72 -17.39 -28.94
N ILE C 225 16.95 -16.86 -28.88
CA ILE C 225 17.17 -15.43 -28.66
C ILE C 225 17.06 -14.81 -30.05
N VAL C 226 15.95 -14.19 -30.35
CA VAL C 226 15.59 -13.78 -31.73
C VAL C 226 16.22 -12.41 -32.00
N GLN C 227 17.14 -12.33 -32.99
CA GLN C 227 17.97 -11.15 -33.26
C GLN C 227 18.46 -11.21 -34.68
N GLY C 228 18.84 -10.05 -35.20
CA GLY C 228 19.48 -10.03 -36.53
C GLY C 228 20.86 -10.71 -36.49
N GLU C 229 21.26 -11.34 -37.59
CA GLU C 229 22.69 -11.70 -37.90
C GLU C 229 23.69 -11.27 -36.86
O24 6A8 D . -5.84 15.00 -3.59
C22 6A8 D . -5.76 15.83 -4.50
C25 6A8 D . -5.49 17.28 -4.21
C30 6A8 D . -4.65 18.03 -5.06
C29 6A8 D . -4.45 19.41 -4.83
C28 6A8 D . -5.06 19.95 -3.71
C27 6A8 D . -5.79 19.19 -2.83
C26 6A8 D . -6.02 17.86 -3.09
N21 6A8 D . -6.00 15.41 -5.73
C18 6A8 D . -6.22 14.11 -6.23
C20 6A8 D . -7.47 14.05 -7.12
C31 6A8 D . -8.80 14.13 -6.43
C36 6A8 D . -9.01 14.24 -5.06
C35 6A8 D . -10.27 14.30 -4.46
C34 6A8 D . -11.43 14.17 -5.31
C37 6A8 D . -12.82 14.12 -4.62
N38 6A8 D . -13.65 15.30 -5.02
C33 6A8 D . -11.21 14.12 -6.70
C32 6A8 D . -9.95 14.07 -7.22
C17 6A8 D . -5.03 13.68 -7.06
O19 6A8 D . -4.39 14.44 -7.81
N2 6A8 D . -4.75 12.37 -7.04
C1 6A8 D . -3.97 11.65 -8.08
B4 6A8 D . -4.97 10.52 -8.64
O1 6A8 D . -6.36 10.92 -9.00
C4 6A8 D . -6.78 10.53 -10.27
C2 6A8 D . -5.72 9.52 -10.78
O3 6A8 D . -4.59 9.70 -9.80
C3 6A8 D . -2.70 11.13 -7.31
C11 6A8 D . -1.83 12.25 -6.59
C12 6A8 D . -1.21 13.12 -7.68
N13 6A8 D . -0.30 14.14 -7.01
C14 6A8 D . -0.54 15.39 -6.69
N15 6A8 D . -1.79 15.88 -7.00
N16 6A8 D . 0.36 16.18 -6.29
C6 6A8 D . -6.63 11.88 -10.99
O2 6A8 D . -7.70 12.73 -10.51
O24 6A8 E . 0.76 14.01 39.48
C22 6A8 E . 0.57 15.29 39.53
C25 6A8 E . 1.44 16.03 40.52
C30 6A8 E . 1.82 15.41 41.65
C29 6A8 E . 2.64 16.04 42.60
C28 6A8 E . 3.05 17.33 42.34
C27 6A8 E . 2.77 17.95 41.12
C26 6A8 E . 1.93 17.32 40.18
N21 6A8 E . -0.31 15.98 38.83
C18 6A8 E . -1.20 15.44 37.86
C20 6A8 E . -2.65 15.86 38.04
C31 6A8 E . -3.40 15.31 39.27
C36 6A8 E . -2.87 14.31 40.09
C35 6A8 E . -3.54 13.81 41.18
C34 6A8 E . -4.86 14.24 41.45
C37 6A8 E . -5.63 13.57 42.60
N38 6A8 E . -6.03 14.49 43.65
C33 6A8 E . -5.41 15.22 40.61
C32 6A8 E . -4.68 15.79 39.55
C17 6A8 E . -0.80 15.88 36.43
O19 6A8 E . -0.26 16.96 36.25
N2 6A8 E . -1.06 15.05 35.44
C1 6A8 E . -1.10 15.44 34.09
B4 6A8 E . -2.54 15.02 33.56
O1 6A8 E . -3.65 15.37 34.45
C4 6A8 E . -4.64 16.13 33.74
C2 6A8 E . -4.31 15.91 32.26
O3 6A8 E . -2.96 15.36 32.22
C3 6A8 E . 0.07 14.74 33.40
C11 6A8 E . 1.48 15.10 33.88
C12 6A8 E . 1.83 16.56 33.61
N13 6A8 E . 3.28 16.83 33.95
C14 6A8 E . 3.70 17.32 35.11
N15 6A8 E . 2.85 17.48 36.14
N16 6A8 E . 4.94 17.54 35.31
C6 6A8 E . -4.46 17.60 34.19
O2 6A8 E . -5.33 17.56 35.30
S DMS F . 19.71 4.84 32.29
O DMS F . 19.71 4.67 30.84
C1 DMS F . 19.04 6.37 32.63
C2 DMS F . 18.79 3.57 32.95
O24 6A8 G . 7.49 -21.07 -30.11
C22 6A8 G . 6.38 -21.58 -30.23
C25 6A8 G . 6.17 -23.06 -30.31
C30 6A8 G . 7.09 -23.77 -31.03
C29 6A8 G . 6.93 -25.17 -31.08
C28 6A8 G . 5.89 -25.79 -30.48
C27 6A8 G . 4.97 -25.09 -29.73
C26 6A8 G . 5.13 -23.70 -29.63
N21 6A8 G . 5.26 -20.85 -30.28
C18 6A8 G . 5.20 -19.33 -30.11
C20 6A8 G . 4.30 -18.73 -31.17
C31 6A8 G . 4.75 -18.67 -32.57
C36 6A8 G . 3.94 -18.15 -33.58
C35 6A8 G . 4.42 -18.05 -34.86
C34 6A8 G . 5.67 -18.48 -35.24
C37 6A8 G . 6.12 -18.30 -36.64
N38 6A8 G . 5.33 -19.11 -37.55
C33 6A8 G . 6.51 -19.00 -34.24
C32 6A8 G . 6.05 -19.10 -32.94
C17 6A8 G . 4.68 -19.05 -28.77
O19 6A8 G . 3.80 -19.77 -28.19
N2 6A8 G . 5.18 -17.98 -28.20
C1 6A8 G . 4.49 -17.31 -27.06
B4 6A8 G . 4.19 -15.78 -27.62
O1 6A8 G . 3.61 -15.64 -29.01
C4 6A8 G . 2.39 -14.93 -29.01
C2 6A8 G . 2.40 -14.20 -27.68
O3 6A8 G . 3.36 -14.88 -26.83
C3 6A8 G . 5.35 -17.37 -25.81
C11 6A8 G . 5.71 -18.83 -25.43
C12 6A8 G . 4.52 -19.54 -24.88
N13 6A8 G . 5.02 -20.75 -24.18
C14 6A8 G . 4.86 -21.91 -24.65
N15 6A8 G . 4.46 -22.05 -25.92
N16 6A8 G . 5.06 -23.01 -23.96
C6 6A8 G . 1.39 -16.04 -29.11
O2 6A8 G . 1.42 -16.46 -30.48
C1 GOL H . 6.07 6.64 -22.37
O1 GOL H . 5.59 5.79 -23.36
C2 GOL H . 5.11 6.66 -21.18
O2 GOL H . 3.90 7.46 -21.36
C3 GOL H . 5.91 7.14 -20.01
O3 GOL H . 5.05 7.64 -18.98
#